data_5N89
#
_entry.id   5N89
#
_cell.length_a   58.310
_cell.length_b   58.305
_cell.length_c   88.285
_cell.angle_alpha   104.38
_cell.angle_beta   91.03
_cell.angle_gamma   88.43
#
_symmetry.space_group_name_H-M   'P 1'
#
loop_
_entity.id
_entity.type
_entity.pdbx_description
1 polymer Streptavidin
2 polymer GLY-ASN-SER-PHE-ASP-ASP-TRP-LEU-ALA-SER-LYS-GLY-NH2
3 non-polymer GLYCEROL
4 water water
#
loop_
_entity_poly.entity_id
_entity_poly.type
_entity_poly.pdbx_seq_one_letter_code
_entity_poly.pdbx_strand_id
1 'polypeptide(L)'
;MRKIVVAAIAVSLTTVSITASASADPSKDSKAQVSAAEAGITGTWYNQLGSTFIVTAGADGALTGTYESAVGNAESRYVL
TGRYDSAPATDGSGTALGWTVAWKNNYRNAHSATTWSGQYVGGAEARINTQWLLTSGTTEANAWKSTLVGHDTFTKVKPS
AASIDAAKKAGVNNGNPLDAVQQ
;
A,B,D,F,H,K,M,O
2 'polypeptide(L)' GNSFDDWLASKG(NH2) C,E,G,I,J,L,N,P
#
loop_
_chem_comp.id
_chem_comp.type
_chem_comp.name
_chem_comp.formula
GOL non-polymer GLYCEROL 'C3 H8 O3'
NH2 non-polymer 'AMINO GROUP' 'H2 N'
#
# COMPACT_ATOMS: atom_id res chain seq x y z
N GLU A 38 -8.85 2.45 13.15
CA GLU A 38 -10.09 1.61 13.30
C GLU A 38 -10.46 0.81 12.04
N ALA A 39 -10.14 -0.47 12.11
CA ALA A 39 -10.50 -1.42 11.06
C ALA A 39 -12.03 -1.60 10.88
N GLY A 40 -12.80 -1.52 11.97
CA GLY A 40 -14.26 -1.67 11.94
C GLY A 40 -14.84 -3.09 11.83
N ILE A 41 -13.95 -4.08 11.83
CA ILE A 41 -14.29 -5.48 11.55
C ILE A 41 -14.65 -6.29 12.81
N THR A 42 -13.88 -6.14 13.88
CA THR A 42 -14.19 -6.86 15.13
C THR A 42 -15.62 -6.66 15.56
N GLY A 43 -16.31 -7.77 15.81
CA GLY A 43 -17.68 -7.77 16.33
C GLY A 43 -18.52 -8.91 15.77
N THR A 44 -19.83 -8.83 16.02
CA THR A 44 -20.81 -9.80 15.55
C THR A 44 -21.47 -9.32 14.25
N TRP A 45 -21.49 -10.18 13.23
CA TRP A 45 -22.11 -9.89 11.94
C TRP A 45 -23.13 -10.99 11.62
N TYR A 46 -24.14 -10.64 10.81
CA TYR A 46 -25.27 -11.52 10.48
C TYR A 46 -25.44 -11.61 8.94
N ASN A 47 -25.83 -12.79 8.45
CA ASN A 47 -26.24 -12.96 7.02
C ASN A 47 -27.69 -13.47 6.88
N GLN A 48 -28.18 -13.48 5.65
CA GLN A 48 -29.59 -13.78 5.36
C GLN A 48 -29.92 -15.26 5.44
N LEU A 49 -28.92 -16.14 5.53
CA LEU A 49 -29.16 -17.56 5.71
C LEU A 49 -29.41 -17.93 7.17
N GLY A 50 -29.34 -16.97 8.11
CA GLY A 50 -29.51 -17.23 9.54
C GLY A 50 -28.21 -17.54 10.27
N SER A 51 -27.07 -17.27 9.61
CA SER A 51 -25.77 -17.50 10.22
CA SER A 51 -25.77 -17.49 10.22
C SER A 51 -25.25 -16.23 10.91
N THR A 52 -24.35 -16.44 11.89
CA THR A 52 -23.65 -15.38 12.65
C THR A 52 -22.13 -15.60 12.54
N PHE A 53 -21.41 -14.51 12.27
CA PHE A 53 -19.93 -14.45 12.02
C PHE A 53 -19.41 -13.65 13.20
N ILE A 54 -18.77 -14.35 14.15
CA ILE A 54 -18.38 -13.74 15.43
C ILE A 54 -16.82 -13.59 15.37
N VAL A 55 -16.34 -12.41 15.00
CA VAL A 55 -14.94 -12.28 14.53
C VAL A 55 -14.12 -11.27 15.34
N THR A 56 -12.83 -11.57 15.51
CA THR A 56 -11.85 -10.64 16.04
C THR A 56 -10.75 -10.41 14.99
N ALA A 57 -10.52 -9.13 14.68
CA ALA A 57 -9.50 -8.70 13.73
C ALA A 57 -8.27 -8.25 14.52
N GLY A 58 -7.22 -9.07 14.47
CA GLY A 58 -5.97 -8.82 15.18
C GLY A 58 -5.15 -7.73 14.53
N ALA A 59 -4.31 -7.08 15.35
CA ALA A 59 -3.42 -6.02 14.87
C ALA A 59 -2.48 -6.41 13.72
N ASP A 60 -2.14 -7.69 13.65
CA ASP A 60 -1.20 -8.26 12.68
C ASP A 60 -1.84 -8.84 11.41
N GLY A 61 -3.14 -8.57 11.18
CA GLY A 61 -3.87 -9.08 10.03
C GLY A 61 -4.65 -10.38 10.20
N ALA A 62 -4.69 -10.92 11.42
CA ALA A 62 -5.38 -12.19 11.65
C ALA A 62 -6.90 -11.98 11.83
N LEU A 63 -7.69 -12.89 11.27
CA LEU A 63 -9.09 -13.09 11.66
C LEU A 63 -9.21 -14.39 12.45
N THR A 64 -9.85 -14.33 13.63
CA THR A 64 -10.14 -15.51 14.44
C THR A 64 -11.59 -15.36 14.95
N GLY A 65 -12.15 -16.43 15.47
CA GLY A 65 -13.48 -16.42 16.08
C GLY A 65 -14.31 -17.64 15.79
N THR A 66 -15.64 -17.47 15.86
CA THR A 66 -16.60 -18.58 15.74
CA THR A 66 -16.61 -18.57 15.78
C THR A 66 -17.67 -18.24 14.74
N TYR A 67 -18.10 -19.26 13.98
CA TYR A 67 -19.14 -19.13 12.96
C TYR A 67 -20.31 -20.01 13.42
N GLU A 68 -21.50 -19.42 13.50
CA GLU A 68 -22.71 -20.15 13.91
C GLU A 68 -23.65 -20.32 12.74
N SER A 69 -23.93 -21.56 12.34
CA SER A 69 -24.87 -21.83 11.25
C SER A 69 -26.34 -21.68 11.67
N ALA A 70 -26.59 -21.68 12.97
CA ALA A 70 -27.91 -21.39 13.50
C ALA A 70 -27.67 -20.94 14.93
N VAL A 71 -28.64 -20.19 15.46
CA VAL A 71 -28.52 -19.64 16.81
C VAL A 71 -28.98 -20.65 17.86
N GLY A 72 -28.32 -20.60 19.01
CA GLY A 72 -28.79 -21.33 20.20
C GLY A 72 -28.62 -22.84 20.13
N ASN A 73 -27.58 -23.28 19.42
CA ASN A 73 -27.25 -24.71 19.30
C ASN A 73 -25.70 -24.90 19.32
N ALA A 74 -25.20 -25.62 20.34
CA ALA A 74 -23.77 -25.95 20.42
C ALA A 74 -23.30 -26.70 19.18
N GLU A 75 -24.21 -27.51 18.62
CA GLU A 75 -23.87 -28.33 17.45
C GLU A 75 -23.66 -27.47 16.19
N SER A 76 -24.12 -26.21 16.22
CA SER A 76 -24.00 -25.32 15.06
CA SER A 76 -24.01 -25.31 15.07
C SER A 76 -22.85 -24.31 15.15
N ARG A 77 -21.91 -24.49 16.08
CA ARG A 77 -20.78 -23.56 16.29
C ARG A 77 -19.48 -24.18 15.79
N TYR A 78 -18.72 -23.41 14.98
CA TYR A 78 -17.49 -23.88 14.30
C TYR A 78 -16.37 -22.85 14.42
N VAL A 79 -15.14 -23.35 14.46
CA VAL A 79 -13.94 -22.46 14.42
C VAL A 79 -13.79 -21.81 13.02
N LEU A 80 -13.44 -20.53 13.00
CA LEU A 80 -12.96 -19.91 11.76
C LEU A 80 -11.59 -19.30 11.95
N THR A 81 -10.87 -19.23 10.82
CA THR A 81 -9.62 -18.51 10.73
CA THR A 81 -9.57 -18.50 10.73
C THR A 81 -9.44 -17.86 9.35
N GLY A 82 -8.80 -16.69 9.33
CA GLY A 82 -8.56 -15.99 8.06
C GLY A 82 -7.60 -14.83 8.20
N ARG A 83 -7.65 -13.95 7.18
CA ARG A 83 -6.69 -12.83 7.10
C ARG A 83 -7.41 -11.62 6.51
N TYR A 84 -6.94 -10.41 6.85
CA TYR A 84 -7.48 -9.16 6.27
C TYR A 84 -6.34 -8.16 6.04
N ASP A 85 -6.58 -7.20 5.15
CA ASP A 85 -5.61 -6.13 4.91
C ASP A 85 -5.69 -5.14 6.08
N SER A 86 -4.64 -5.15 6.91
CA SER A 86 -4.59 -4.24 8.07
C SER A 86 -4.15 -2.79 7.75
N ALA A 87 -3.84 -2.49 6.49
CA ALA A 87 -3.52 -1.13 6.06
C ALA A 87 -4.17 -0.83 4.71
N PRO A 88 -5.52 -0.76 4.67
CA PRO A 88 -6.24 -0.52 3.42
C PRO A 88 -5.98 0.86 2.82
N ALA A 89 -6.35 0.98 1.54
CA ALA A 89 -6.26 2.26 0.85
C ALA A 89 -7.17 3.29 1.53
N THR A 90 -6.80 4.56 1.40
CA THR A 90 -7.56 5.67 1.99
C THR A 90 -8.34 6.50 0.94
N ASP A 91 -8.63 5.87 -0.20
CA ASP A 91 -9.26 6.54 -1.36
C ASP A 91 -10.76 6.23 -1.53
N GLY A 92 -11.39 5.62 -0.53
CA GLY A 92 -12.77 5.17 -0.62
C GLY A 92 -12.98 3.70 -0.93
N SER A 93 -11.88 2.96 -1.14
CA SER A 93 -11.98 1.54 -1.41
C SER A 93 -12.26 0.73 -0.16
N GLY A 94 -12.87 -0.42 -0.36
CA GLY A 94 -13.09 -1.37 0.71
C GLY A 94 -11.83 -2.08 1.18
N THR A 95 -11.96 -2.84 2.26
CA THR A 95 -10.86 -3.57 2.90
C THR A 95 -10.95 -5.06 2.55
N ALA A 96 -9.96 -5.55 1.77
CA ALA A 96 -9.94 -6.96 1.32
C ALA A 96 -9.74 -7.91 2.50
N LEU A 97 -10.44 -9.04 2.45
CA LEU A 97 -10.34 -10.07 3.51
C LEU A 97 -10.83 -11.43 3.03
N GLY A 98 -10.53 -12.47 3.81
CA GLY A 98 -11.06 -13.81 3.57
C GLY A 98 -10.97 -14.68 4.81
N TRP A 99 -11.82 -15.70 4.88
CA TRP A 99 -11.73 -16.67 5.96
C TRP A 99 -12.29 -18.04 5.52
N THR A 100 -11.91 -19.04 6.33
CA THR A 100 -12.33 -20.44 6.13
C THR A 100 -13.04 -20.99 7.37
N VAL A 101 -14.05 -21.83 7.10
CA VAL A 101 -14.63 -22.74 8.14
C VAL A 101 -14.57 -24.18 7.58
N ALA A 102 -13.94 -25.10 8.30
CA ALA A 102 -14.12 -26.55 8.03
C ALA A 102 -15.30 -26.98 8.90
N TRP A 103 -16.30 -27.61 8.26
CA TRP A 103 -17.59 -27.93 8.93
C TRP A 103 -17.51 -29.20 9.80
N LYS A 104 -16.56 -29.19 10.73
CA LYS A 104 -16.36 -30.25 11.75
C LYS A 104 -16.30 -29.55 13.09
N ASN A 105 -17.07 -30.06 14.07
CA ASN A 105 -16.91 -29.68 15.47
C ASN A 105 -17.04 -30.97 16.33
N ASN A 106 -17.25 -30.85 17.64
CA ASN A 106 -17.36 -32.05 18.49
C ASN A 106 -18.65 -32.87 18.30
N TYR A 107 -19.63 -32.33 17.57
CA TYR A 107 -20.96 -32.93 17.41
C TYR A 107 -21.26 -33.43 15.98
N ARG A 108 -20.61 -32.83 15.00
CA ARG A 108 -20.96 -32.97 13.57
C ARG A 108 -19.69 -32.96 12.70
N ASN A 109 -19.76 -33.61 11.54
CA ASN A 109 -18.70 -33.46 10.53
C ASN A 109 -19.29 -33.64 9.14
N ALA A 110 -19.37 -32.54 8.37
CA ALA A 110 -19.95 -32.59 7.02
C ALA A 110 -18.91 -32.87 5.92
N HIS A 111 -17.66 -33.12 6.33
CA HIS A 111 -16.56 -33.42 5.36
C HIS A 111 -16.55 -32.37 4.23
N SER A 112 -16.52 -31.11 4.66
CA SER A 112 -16.68 -29.96 3.78
C SER A 112 -16.02 -28.73 4.39
N ALA A 113 -15.68 -27.72 3.55
CA ALA A 113 -15.13 -26.46 4.02
C ALA A 113 -15.64 -25.34 3.11
N THR A 114 -15.97 -24.19 3.71
CA THR A 114 -16.30 -22.98 2.97
C THR A 114 -15.23 -21.92 3.14
N THR A 115 -14.89 -21.26 2.03
CA THR A 115 -14.10 -20.03 2.09
C THR A 115 -14.92 -18.86 1.56
N TRP A 116 -14.84 -17.75 2.30
CA TRP A 116 -15.44 -16.48 1.92
C TRP A 116 -14.31 -15.50 1.53
N SER A 117 -14.43 -14.87 0.36
CA SER A 117 -13.49 -13.86 -0.13
C SER A 117 -14.28 -12.61 -0.41
N GLY A 118 -13.84 -11.47 0.11
CA GLY A 118 -14.62 -10.27 -0.10
C GLY A 118 -13.97 -9.00 0.40
N GLN A 119 -14.81 -8.00 0.70
CA GLN A 119 -14.36 -6.73 1.23
C GLN A 119 -15.33 -6.15 2.29
N TYR A 120 -14.73 -5.52 3.31
CA TYR A 120 -15.46 -4.73 4.29
C TYR A 120 -15.65 -3.32 3.74
N VAL A 121 -16.87 -2.79 3.89
CA VAL A 121 -17.25 -1.45 3.40
C VAL A 121 -17.82 -0.67 4.59
N GLY A 122 -17.10 0.38 5.00
CA GLY A 122 -17.44 1.14 6.21
C GLY A 122 -18.57 2.13 6.02
N GLY A 123 -18.88 2.85 7.10
CA GLY A 123 -19.90 3.89 7.12
C GLY A 123 -21.06 3.55 8.06
N ALA A 124 -22.12 4.33 7.96
CA ALA A 124 -23.30 4.16 8.81
C ALA A 124 -24.07 2.86 8.53
N GLU A 125 -23.95 2.34 7.31
CA GLU A 125 -24.55 1.08 6.91
C GLU A 125 -23.40 0.12 6.54
N ALA A 126 -22.54 -0.16 7.51
CA ALA A 126 -21.36 -1.03 7.24
C ALA A 126 -21.73 -2.44 6.84
N ARG A 127 -20.94 -3.02 5.93
CA ARG A 127 -21.23 -4.34 5.36
C ARG A 127 -19.93 -5.09 5.10
N ILE A 128 -19.99 -6.42 5.13
CA ILE A 128 -18.93 -7.25 4.53
C ILE A 128 -19.57 -7.99 3.35
N ASN A 129 -19.12 -7.67 2.12
CA ASN A 129 -19.68 -8.27 0.92
C ASN A 129 -18.77 -9.40 0.46
N THR A 130 -19.32 -10.61 0.34
CA THR A 130 -18.52 -11.78 -0.02
C THR A 130 -19.09 -12.60 -1.14
N GLN A 131 -18.16 -13.35 -1.75
CA GLN A 131 -18.49 -14.52 -2.57
CA GLN A 131 -18.39 -14.51 -2.61
C GLN A 131 -17.79 -15.70 -1.90
N TRP A 132 -18.36 -16.89 -2.07
CA TRP A 132 -17.87 -18.07 -1.34
C TRP A 132 -17.86 -19.33 -2.19
N LEU A 133 -16.98 -20.26 -1.75
CA LEU A 133 -16.82 -21.58 -2.35
C LEU A 133 -16.93 -22.63 -1.24
N LEU A 134 -17.90 -23.53 -1.38
CA LEU A 134 -18.08 -24.66 -0.44
C LEU A 134 -17.69 -25.94 -1.13
N THR A 135 -16.57 -26.53 -0.68
CA THR A 135 -16.11 -27.78 -1.27
C THR A 135 -16.36 -28.94 -0.31
N SER A 136 -16.94 -30.03 -0.82
CA SER A 136 -17.08 -31.29 -0.07
CA SER A 136 -17.08 -31.28 -0.08
C SER A 136 -16.07 -32.32 -0.59
N GLY A 137 -15.59 -33.18 0.29
CA GLY A 137 -14.74 -34.30 -0.12
C GLY A 137 -15.54 -35.24 -1.01
N THR A 138 -14.98 -35.59 -2.18
CA THR A 138 -15.62 -36.51 -3.12
C THR A 138 -14.58 -37.52 -3.65
N THR A 139 -15.06 -38.59 -4.31
CA THR A 139 -14.20 -39.38 -5.18
C THR A 139 -13.81 -38.55 -6.41
N GLU A 140 -12.82 -39.04 -7.17
CA GLU A 140 -12.37 -38.31 -8.37
C GLU A 140 -13.48 -38.25 -9.44
N ALA A 141 -14.22 -39.36 -9.61
CA ALA A 141 -15.32 -39.41 -10.57
C ALA A 141 -16.44 -38.42 -10.26
N ASN A 142 -16.64 -38.08 -8.98
CA ASN A 142 -17.70 -37.15 -8.53
C ASN A 142 -17.18 -35.72 -8.28
N ALA A 143 -15.95 -35.41 -8.67
CA ALA A 143 -15.36 -34.12 -8.34
C ALA A 143 -16.06 -32.96 -9.04
N TRP A 144 -16.67 -33.23 -10.19
CA TRP A 144 -17.42 -32.22 -10.92
C TRP A 144 -18.53 -31.62 -10.07
N LYS A 145 -19.05 -32.39 -9.10
CA LYS A 145 -20.12 -31.92 -8.22
C LYS A 145 -19.65 -31.58 -6.77
N SER A 146 -18.36 -31.34 -6.59
CA SER A 146 -17.76 -31.07 -5.27
C SER A 146 -17.96 -29.66 -4.70
N THR A 147 -18.18 -28.65 -5.57
CA THR A 147 -18.05 -27.25 -5.15
C THR A 147 -19.23 -26.40 -5.52
N LEU A 148 -19.90 -25.90 -4.46
CA LEU A 148 -21.00 -24.91 -4.58
C LEU A 148 -20.38 -23.51 -4.55
N VAL A 149 -21.02 -22.57 -5.29
CA VAL A 149 -20.59 -21.16 -5.29
C VAL A 149 -21.80 -20.29 -4.93
N GLY A 150 -21.54 -19.21 -4.20
CA GLY A 150 -22.60 -18.25 -3.91
C GLY A 150 -22.05 -16.96 -3.39
N HIS A 151 -22.96 -16.13 -2.88
CA HIS A 151 -22.60 -14.82 -2.35
C HIS A 151 -23.39 -14.53 -1.09
N ASP A 152 -22.77 -13.82 -0.14
CA ASP A 152 -23.50 -13.37 1.05
C ASP A 152 -23.00 -12.02 1.51
N THR A 153 -23.95 -11.16 1.82
CA THR A 153 -23.68 -9.89 2.49
C THR A 153 -23.90 -10.05 4.02
N PHE A 154 -22.92 -9.59 4.79
CA PHE A 154 -23.03 -9.56 6.26
C PHE A 154 -23.28 -8.11 6.73
N THR A 155 -24.13 -7.95 7.75
CA THR A 155 -24.55 -6.65 8.26
C THR A 155 -24.36 -6.65 9.79
N LYS A 156 -24.22 -5.45 10.36
CA LYS A 156 -24.05 -5.29 11.81
C LYS A 156 -25.41 -5.37 12.55
N VAL A 157 -26.52 -5.28 11.81
CA VAL A 157 -27.89 -5.47 12.35
C VAL A 157 -28.55 -6.59 11.53
N LYS A 158 -29.29 -7.47 12.21
CA LYS A 158 -30.00 -8.58 11.55
C LYS A 158 -30.93 -8.07 10.46
N GLU B 38 -47.45 -20.05 -18.25
CA GLU B 38 -46.72 -18.91 -18.89
C GLU B 38 -45.29 -18.81 -18.32
N ALA B 39 -44.29 -18.72 -19.19
CA ALA B 39 -42.88 -18.66 -18.72
C ALA B 39 -42.53 -17.40 -17.90
N GLY B 40 -43.14 -16.26 -18.23
CA GLY B 40 -42.87 -14.99 -17.53
C GLY B 40 -41.56 -14.26 -17.82
N ILE B 41 -40.77 -14.79 -18.74
CA ILE B 41 -39.40 -14.29 -19.00
C ILE B 41 -39.35 -13.19 -20.08
N THR B 42 -40.11 -13.36 -21.18
CA THR B 42 -40.09 -12.38 -22.26
C THR B 42 -40.39 -10.98 -21.72
N GLY B 43 -39.55 -10.01 -22.10
CA GLY B 43 -39.69 -8.60 -21.73
C GLY B 43 -38.39 -7.91 -21.42
N THR B 44 -38.49 -6.71 -20.82
CA THR B 44 -37.37 -5.86 -20.47
C THR B 44 -37.08 -6.06 -18.96
N TRP B 45 -35.80 -6.29 -18.66
CA TRP B 45 -35.28 -6.49 -17.33
C TRP B 45 -34.11 -5.56 -17.10
N TYR B 46 -33.92 -5.16 -15.83
CA TYR B 46 -32.92 -4.18 -15.43
C TYR B 46 -32.02 -4.73 -14.32
N ASN B 47 -30.70 -4.44 -14.36
CA ASN B 47 -29.81 -4.66 -13.20
C ASN B 47 -29.23 -3.35 -12.59
N GLN B 48 -28.54 -3.50 -11.46
CA GLN B 48 -28.00 -2.36 -10.69
C GLN B 48 -26.73 -1.71 -11.27
N LEU B 49 -26.10 -2.35 -12.27
CA LEU B 49 -24.96 -1.78 -13.00
C LEU B 49 -25.36 -0.75 -14.07
N GLY B 50 -26.66 -0.57 -14.31
CA GLY B 50 -27.14 0.30 -15.39
C GLY B 50 -27.47 -0.42 -16.69
N SER B 51 -27.46 -1.75 -16.65
CA SER B 51 -27.68 -2.53 -17.86
C SER B 51 -29.14 -2.92 -18.04
N THR B 52 -29.51 -3.17 -19.30
CA THR B 52 -30.85 -3.57 -19.73
C THR B 52 -30.76 -4.87 -20.55
N PHE B 53 -31.60 -5.84 -20.19
CA PHE B 53 -31.63 -7.22 -20.72
C PHE B 53 -33.01 -7.26 -21.44
N ILE B 54 -32.96 -7.22 -22.76
CA ILE B 54 -34.15 -7.12 -23.60
C ILE B 54 -34.37 -8.50 -24.29
N VAL B 55 -35.17 -9.38 -23.68
CA VAL B 55 -35.14 -10.83 -23.98
C VAL B 55 -36.46 -11.37 -24.52
N THR B 56 -36.38 -12.31 -25.46
CA THR B 56 -37.52 -13.08 -25.90
C THR B 56 -37.28 -14.58 -25.61
N ALA B 57 -38.22 -15.21 -24.91
CA ALA B 57 -38.16 -16.63 -24.58
C ALA B 57 -39.05 -17.40 -25.54
N GLY B 58 -38.45 -18.20 -26.42
CA GLY B 58 -39.18 -18.96 -27.43
C GLY B 58 -39.77 -20.25 -26.89
N ALA B 59 -40.77 -20.78 -27.61
CA ALA B 59 -41.48 -21.99 -27.17
C ALA B 59 -40.56 -23.22 -27.10
N ASP B 60 -39.51 -23.19 -27.93
CA ASP B 60 -38.52 -24.27 -28.03
C ASP B 60 -37.34 -24.22 -27.05
N GLY B 61 -37.39 -23.35 -26.04
CA GLY B 61 -36.28 -23.19 -25.09
C GLY B 61 -35.24 -22.13 -25.37
N ALA B 62 -35.40 -21.39 -26.47
CA ALA B 62 -34.38 -20.40 -26.86
C ALA B 62 -34.60 -19.08 -26.12
N LEU B 63 -33.49 -18.48 -25.69
CA LEU B 63 -33.41 -17.07 -25.37
C LEU B 63 -32.69 -16.27 -26.47
N THR B 64 -33.29 -15.17 -26.93
CA THR B 64 -32.69 -14.26 -27.92
C THR B 64 -32.95 -12.81 -27.50
N GLY B 65 -32.28 -11.85 -28.11
CA GLY B 65 -32.48 -10.45 -27.80
C GLY B 65 -31.24 -9.59 -27.79
N THR B 66 -31.32 -8.47 -27.10
CA THR B 66 -30.28 -7.42 -27.06
CA THR B 66 -30.29 -7.45 -27.08
C THR B 66 -29.97 -7.09 -25.63
N TYR B 67 -28.69 -6.92 -25.32
CA TYR B 67 -28.19 -6.51 -24.00
C TYR B 67 -27.59 -5.11 -24.17
N GLU B 68 -28.04 -4.17 -23.34
CA GLU B 68 -27.54 -2.79 -23.36
C GLU B 68 -26.72 -2.50 -22.11
N SER B 69 -25.43 -2.14 -22.27
CA SER B 69 -24.55 -1.81 -21.14
C SER B 69 -24.74 -0.38 -20.63
N ALA B 70 -25.39 0.45 -21.45
CA ALA B 70 -25.80 1.79 -21.08
C ALA B 70 -26.96 2.14 -22.00
N VAL B 71 -27.81 3.05 -21.52
CA VAL B 71 -29.00 3.45 -22.29
C VAL B 71 -28.69 4.59 -23.27
N GLY B 72 -29.31 4.54 -24.44
CA GLY B 72 -29.28 5.65 -25.41
C GLY B 72 -28.01 5.78 -26.25
N ASN B 73 -27.35 4.65 -26.52
CA ASN B 73 -26.09 4.62 -27.25
C ASN B 73 -25.99 3.35 -28.10
N ALA B 74 -25.99 3.49 -29.42
CA ALA B 74 -25.79 2.35 -30.36
C ALA B 74 -24.55 1.51 -30.05
N GLU B 75 -23.52 2.19 -29.57
CA GLU B 75 -22.25 1.56 -29.28
C GLU B 75 -22.33 0.62 -28.07
N SER B 76 -23.40 0.76 -27.25
CA SER B 76 -23.61 -0.06 -26.04
CA SER B 76 -23.60 -0.06 -26.04
C SER B 76 -24.60 -1.21 -26.20
N ARG B 77 -25.00 -1.53 -27.42
CA ARG B 77 -25.97 -2.59 -27.71
C ARG B 77 -25.31 -3.84 -28.29
N TYR B 78 -25.62 -5.00 -27.70
CA TYR B 78 -24.98 -6.27 -28.06
C TYR B 78 -25.99 -7.41 -28.22
N VAL B 79 -25.66 -8.38 -29.09
CA VAL B 79 -26.46 -9.58 -29.27
C VAL B 79 -26.32 -10.49 -28.03
N LEU B 80 -27.42 -11.11 -27.61
CA LEU B 80 -27.34 -12.21 -26.63
C LEU B 80 -28.04 -13.45 -27.17
N THR B 81 -27.57 -14.61 -26.71
CA THR B 81 -28.26 -15.85 -26.95
CA THR B 81 -28.26 -15.89 -26.96
C THR B 81 -28.11 -16.79 -25.75
N GLY B 82 -29.13 -17.62 -25.53
CA GLY B 82 -29.09 -18.59 -24.43
C GLY B 82 -30.21 -19.58 -24.50
N ARG B 83 -30.43 -20.22 -23.35
CA ARG B 83 -31.41 -21.31 -23.23
C ARG B 83 -32.10 -21.26 -21.87
N TYR B 84 -33.35 -21.75 -21.79
CA TYR B 84 -34.09 -21.83 -20.51
C TYR B 84 -34.89 -23.15 -20.46
N ASP B 85 -35.21 -23.58 -19.24
CA ASP B 85 -36.08 -24.74 -19.06
C ASP B 85 -37.54 -24.34 -19.38
N SER B 86 -38.05 -24.83 -20.51
CA SER B 86 -39.43 -24.53 -20.91
C SER B 86 -40.54 -25.37 -20.23
N ALA B 87 -40.15 -26.32 -19.36
CA ALA B 87 -41.12 -27.05 -18.57
C ALA B 87 -40.64 -27.17 -17.11
N PRO B 88 -40.61 -26.03 -16.38
CA PRO B 88 -40.09 -26.10 -15.02
C PRO B 88 -40.92 -26.95 -14.07
N ALA B 89 -40.33 -27.28 -12.93
CA ALA B 89 -41.06 -27.97 -11.85
C ALA B 89 -42.23 -27.13 -11.30
N THR B 90 -43.21 -27.79 -10.69
CA THR B 90 -44.41 -27.13 -10.11
C THR B 90 -44.40 -26.94 -8.57
N ASP B 91 -43.29 -27.32 -7.93
CA ASP B 91 -43.16 -27.32 -6.46
C ASP B 91 -42.78 -25.97 -5.81
N GLY B 92 -42.72 -24.89 -6.60
CA GLY B 92 -42.31 -23.58 -6.09
C GLY B 92 -40.87 -23.25 -6.46
N SER B 93 -40.17 -24.18 -7.14
CA SER B 93 -38.81 -23.96 -7.62
CA SER B 93 -38.81 -23.90 -7.56
C SER B 93 -38.76 -22.96 -8.78
N GLY B 94 -37.65 -22.26 -8.87
CA GLY B 94 -37.43 -21.34 -9.99
C GLY B 94 -37.20 -22.06 -11.31
N THR B 95 -37.08 -21.27 -12.37
CA THR B 95 -36.84 -21.75 -13.76
C THR B 95 -35.37 -21.56 -14.15
N ALA B 96 -34.63 -22.66 -14.33
CA ALA B 96 -33.21 -22.55 -14.69
C ALA B 96 -33.03 -21.97 -16.10
N LEU B 97 -31.99 -21.15 -16.23
CA LEU B 97 -31.65 -20.49 -17.50
C LEU B 97 -30.20 -19.99 -17.52
N GLY B 98 -29.74 -19.68 -18.73
CA GLY B 98 -28.43 -19.05 -18.92
C GLY B 98 -28.32 -18.38 -20.27
N TRP B 99 -27.44 -17.38 -20.35
CA TRP B 99 -27.17 -16.72 -21.64
C TRP B 99 -25.78 -16.17 -21.70
N THR B 100 -25.38 -15.85 -22.94
CA THR B 100 -24.05 -15.29 -23.25
C THR B 100 -24.15 -14.00 -24.04
N VAL B 101 -23.25 -13.05 -23.71
CA VAL B 101 -22.94 -11.87 -24.56
C VAL B 101 -21.43 -11.89 -24.85
N ALA B 102 -21.05 -11.93 -26.15
CA ALA B 102 -19.68 -11.59 -26.56
C ALA B 102 -19.66 -10.06 -26.76
N TRP B 103 -18.69 -9.38 -26.13
CA TRP B 103 -18.68 -7.91 -26.09
C TRP B 103 -18.07 -7.26 -27.36
N LYS B 104 -18.67 -7.62 -28.48
CA LYS B 104 -18.29 -7.12 -29.82
C LYS B 104 -19.57 -6.70 -30.53
N ASN B 105 -19.55 -5.51 -31.11
CA ASN B 105 -20.62 -5.05 -32.00
C ASN B 105 -19.94 -4.31 -33.18
N ASN B 106 -20.70 -3.55 -33.98
CA ASN B 106 -20.09 -2.85 -35.13
C ASN B 106 -19.19 -1.67 -34.75
N TYR B 107 -19.24 -1.24 -33.48
CA TYR B 107 -18.51 -0.07 -33.00
C TYR B 107 -17.38 -0.34 -31.98
N ARG B 108 -17.47 -1.48 -31.29
CA ARG B 108 -16.58 -1.79 -30.17
C ARG B 108 -16.19 -3.26 -30.18
N ASN B 109 -15.01 -3.58 -29.64
CA ASN B 109 -14.68 -4.99 -29.33
C ASN B 109 -13.80 -5.05 -28.09
N ALA B 110 -14.34 -5.60 -26.99
CA ALA B 110 -13.59 -5.76 -25.74
C ALA B 110 -12.84 -7.09 -25.61
N HIS B 111 -12.89 -7.90 -26.67
CA HIS B 111 -12.25 -9.22 -26.67
C HIS B 111 -12.58 -10.01 -25.40
N SER B 112 -13.88 -10.07 -25.11
CA SER B 112 -14.38 -10.63 -23.83
C SER B 112 -15.78 -11.18 -24.06
N ALA B 113 -16.21 -12.08 -23.14
CA ALA B 113 -17.60 -12.59 -23.13
C ALA B 113 -18.04 -12.85 -21.70
N THR B 114 -19.31 -12.52 -21.42
CA THR B 114 -19.95 -12.87 -20.14
C THR B 114 -21.01 -13.94 -20.34
N THR B 115 -21.01 -14.91 -19.40
CA THR B 115 -22.11 -15.85 -19.25
C THR B 115 -22.83 -15.61 -17.90
N TRP B 116 -24.17 -15.59 -17.94
CA TRP B 116 -25.01 -15.54 -16.74
C TRP B 116 -25.71 -16.87 -16.62
N SER B 117 -25.62 -17.48 -15.42
CA SER B 117 -26.28 -18.74 -15.06
C SER B 117 -27.19 -18.46 -13.84
N GLY B 118 -28.46 -18.87 -13.90
CA GLY B 118 -29.34 -18.54 -12.79
C GLY B 118 -30.73 -19.10 -12.93
N GLN B 119 -31.65 -18.44 -12.22
CA GLN B 119 -33.05 -18.87 -12.23
C GLN B 119 -34.01 -17.68 -12.16
N TYR B 120 -35.07 -17.79 -12.96
CA TYR B 120 -36.23 -16.92 -12.87
C TYR B 120 -37.15 -17.36 -11.72
N VAL B 121 -37.53 -16.36 -10.92
CA VAL B 121 -38.45 -16.54 -9.78
C VAL B 121 -39.66 -15.67 -10.03
N GLY B 122 -40.81 -16.31 -10.26
CA GLY B 122 -42.07 -15.61 -10.47
C GLY B 122 -42.70 -15.02 -9.23
N GLY B 123 -43.74 -14.22 -9.44
CA GLY B 123 -44.57 -13.61 -8.37
C GLY B 123 -44.79 -12.13 -8.60
N ALA B 124 -45.39 -11.45 -7.61
CA ALA B 124 -45.62 -10.02 -7.70
C ALA B 124 -44.34 -9.18 -7.79
N GLU B 125 -43.24 -9.72 -7.28
CA GLU B 125 -41.93 -9.10 -7.35
C GLU B 125 -40.98 -10.06 -8.13
N ALA B 126 -41.30 -10.31 -9.39
CA ALA B 126 -40.54 -11.31 -10.16
C ALA B 126 -39.08 -10.88 -10.36
N ARG B 127 -38.18 -11.86 -10.38
CA ARG B 127 -36.78 -11.52 -10.59
C ARG B 127 -36.06 -12.62 -11.33
N ILE B 128 -34.93 -12.24 -11.94
CA ILE B 128 -33.95 -13.23 -12.44
C ILE B 128 -32.67 -13.11 -11.62
N ASN B 129 -32.36 -14.15 -10.81
CA ASN B 129 -31.17 -14.14 -9.96
C ASN B 129 -30.04 -14.91 -10.65
N THR B 130 -28.90 -14.23 -10.84
CA THR B 130 -27.77 -14.84 -11.60
C THR B 130 -26.46 -14.73 -10.88
N GLN B 131 -25.58 -15.66 -11.24
CA GLN B 131 -24.13 -15.56 -11.04
C GLN B 131 -23.51 -15.55 -12.44
N TRP B 132 -22.40 -14.85 -12.57
CA TRP B 132 -21.80 -14.65 -13.90
C TRP B 132 -20.27 -14.78 -13.91
N LEU B 133 -19.77 -15.13 -15.12
CA LEU B 133 -18.32 -15.29 -15.45
C LEU B 133 -17.98 -14.45 -16.68
N LEU B 134 -17.08 -13.48 -16.47
CA LEU B 134 -16.63 -12.58 -17.54
C LEU B 134 -15.19 -12.97 -17.88
N THR B 135 -15.01 -13.61 -19.05
CA THR B 135 -13.66 -14.02 -19.53
C THR B 135 -13.17 -13.08 -20.61
N SER B 136 -11.95 -12.57 -20.39
CA SER B 136 -11.22 -11.82 -21.45
CA SER B 136 -11.23 -11.84 -21.46
C SER B 136 -10.17 -12.73 -22.10
N GLY B 137 -9.94 -12.55 -23.42
CA GLY B 137 -8.83 -13.21 -24.10
C GLY B 137 -7.52 -12.73 -23.48
N THR B 138 -6.64 -13.68 -23.14
CA THR B 138 -5.31 -13.38 -22.57
C THR B 138 -4.26 -14.25 -23.25
N THR B 139 -2.99 -13.90 -23.02
CA THR B 139 -1.92 -14.83 -23.33
C THR B 139 -1.91 -15.98 -22.30
N GLU B 140 -1.17 -17.05 -22.58
CA GLU B 140 -1.23 -18.24 -21.73
C GLU B 140 -0.69 -17.95 -20.31
N ALA B 141 0.38 -17.17 -20.21
CA ALA B 141 0.96 -16.77 -18.91
C ALA B 141 0.02 -15.91 -18.04
N ASN B 142 -0.91 -15.22 -18.69
CA ASN B 142 -1.86 -14.33 -18.02
C ASN B 142 -3.26 -14.97 -17.82
N ALA B 143 -3.41 -16.26 -18.13
CA ALA B 143 -4.73 -16.91 -18.02
C ALA B 143 -5.33 -16.87 -16.61
N TRP B 144 -4.44 -16.88 -15.60
CA TRP B 144 -4.87 -16.82 -14.22
C TRP B 144 -5.71 -15.57 -13.96
N LYS B 145 -5.52 -14.46 -14.70
CA LYS B 145 -6.30 -13.23 -14.49
C LYS B 145 -7.36 -12.97 -15.57
N SER B 146 -7.73 -14.02 -16.30
CA SER B 146 -8.67 -13.89 -17.44
C SER B 146 -10.15 -13.72 -17.03
N THR B 147 -10.56 -14.18 -15.81
CA THR B 147 -12.00 -14.36 -15.52
C THR B 147 -12.47 -13.68 -14.21
N LEU B 148 -13.35 -12.70 -14.39
CA LEU B 148 -14.07 -12.06 -13.27
C LEU B 148 -15.32 -12.88 -12.95
N VAL B 149 -15.69 -12.89 -11.65
CA VAL B 149 -16.94 -13.54 -11.18
C VAL B 149 -17.75 -12.51 -10.39
N GLY B 150 -19.07 -12.58 -10.56
CA GLY B 150 -19.98 -11.76 -9.75
C GLY B 150 -21.37 -12.29 -9.77
N HIS B 151 -22.28 -11.41 -9.31
CA HIS B 151 -23.70 -11.77 -9.24
C HIS B 151 -24.56 -10.58 -9.57
N ASP B 152 -25.69 -10.83 -10.23
CA ASP B 152 -26.63 -9.72 -10.50
C ASP B 152 -28.07 -10.22 -10.43
N THR B 153 -28.92 -9.44 -9.77
CA THR B 153 -30.35 -9.68 -9.78
C THR B 153 -30.99 -8.74 -10.78
N PHE B 154 -31.81 -9.29 -11.68
CA PHE B 154 -32.56 -8.51 -12.66
C PHE B 154 -34.01 -8.37 -12.18
N THR B 155 -34.58 -7.18 -12.37
CA THR B 155 -35.92 -6.85 -11.90
C THR B 155 -36.76 -6.30 -13.07
N LYS B 156 -38.09 -6.37 -12.93
CA LYS B 156 -39.02 -5.85 -13.94
C LYS B 156 -39.20 -4.32 -13.77
N VAL B 157 -38.80 -3.78 -12.62
CA VAL B 157 -38.77 -2.31 -12.39
C VAL B 157 -37.32 -1.81 -12.24
N LYS B 158 -37.04 -0.59 -12.74
CA LYS B 158 -35.70 0.03 -12.63
C LYS B 158 -35.23 0.30 -11.18
N PRO B 159 -33.92 0.15 -10.91
CA PRO B 159 -33.39 0.50 -9.58
C PRO B 159 -33.07 1.99 -9.45
N GLY C 1 -23.61 7.82 -17.89
CA GLY C 1 -22.70 6.66 -18.06
C GLY C 1 -22.59 5.86 -16.78
N ASN C 2 -21.85 4.76 -16.84
CA ASN C 2 -21.65 3.88 -15.69
C ASN C 2 -20.33 3.13 -15.78
N SER C 3 -19.90 2.54 -14.67
CA SER C 3 -18.57 1.93 -14.58
C SER C 3 -18.34 0.80 -15.60
N PHE C 4 -19.30 -0.11 -15.71
CA PHE C 4 -19.19 -1.25 -16.62
C PHE C 4 -19.10 -0.78 -18.09
N ASP C 5 -20.02 0.08 -18.50
CA ASP C 5 -19.95 0.63 -19.86
C ASP C 5 -18.67 1.44 -20.11
N ASP C 6 -18.19 2.18 -19.11
CA ASP C 6 -16.90 2.90 -19.22
C ASP C 6 -15.74 1.93 -19.50
N TRP C 7 -15.72 0.79 -18.81
CA TRP C 7 -14.71 -0.25 -19.05
C TRP C 7 -14.76 -0.73 -20.50
N LEU C 8 -15.95 -1.05 -20.98
CA LEU C 8 -16.12 -1.49 -22.37
C LEU C 8 -15.64 -0.39 -23.35
N ALA C 9 -16.03 0.85 -23.09
CA ALA C 9 -15.63 1.98 -23.98
C ALA C 9 -14.13 2.17 -24.05
N SER C 10 -13.43 1.95 -22.92
CA SER C 10 -11.98 2.11 -22.83
C SER C 10 -11.20 1.10 -23.67
N LYS C 11 -11.81 -0.04 -23.98
CA LYS C 11 -11.20 -1.03 -24.90
C LYS C 11 -11.34 -0.67 -26.39
N GLY C 12 -12.26 0.23 -26.71
CA GLY C 12 -12.46 0.68 -28.06
C GLY C 12 -13.15 -0.33 -28.95
N NH2 C 13 -12.99 -0.18 -30.81
N GLU D 38 -2.62 -41.07 8.40
CA GLU D 38 -1.86 -39.78 8.23
C GLU D 38 -2.65 -38.80 7.36
N ALA D 39 -2.65 -37.52 7.74
CA ALA D 39 -3.34 -36.48 6.97
C ALA D 39 -2.67 -36.20 5.61
N GLY D 40 -1.34 -36.25 5.60
CA GLY D 40 -0.55 -36.10 4.37
C GLY D 40 -0.39 -34.69 3.81
N ILE D 41 -0.89 -33.70 4.54
CA ILE D 41 -0.94 -32.32 4.08
C ILE D 41 0.32 -31.52 4.41
N THR D 42 0.90 -31.72 5.60
CA THR D 42 2.07 -30.96 6.03
C THR D 42 3.24 -31.16 5.04
N GLY D 43 3.85 -30.04 4.64
CA GLY D 43 5.00 -30.03 3.71
C GLY D 43 4.94 -28.92 2.70
N THR D 44 5.80 -29.03 1.67
CA THR D 44 5.89 -28.02 0.60
C THR D 44 5.11 -28.51 -0.62
N TRP D 45 4.28 -27.63 -1.19
CA TRP D 45 3.49 -27.88 -2.39
C TRP D 45 3.76 -26.80 -3.42
N TYR D 46 3.60 -27.14 -4.70
CA TYR D 46 3.90 -26.24 -5.83
C TYR D 46 2.71 -26.16 -6.79
N ASN D 47 2.47 -24.99 -7.39
CA ASN D 47 1.47 -24.83 -8.48
C ASN D 47 2.10 -24.39 -9.81
N GLN D 48 1.27 -24.38 -10.84
CA GLN D 48 1.76 -24.06 -12.21
C GLN D 48 2.04 -22.58 -12.44
N LEU D 49 1.62 -21.71 -11.53
CA LEU D 49 1.90 -20.27 -11.61
C LEU D 49 3.30 -19.90 -11.09
N GLY D 50 4.04 -20.86 -10.53
CA GLY D 50 5.35 -20.57 -9.93
C GLY D 50 5.30 -20.24 -8.44
N SER D 51 4.17 -20.55 -7.79
CA SER D 51 4.02 -20.28 -6.36
C SER D 51 4.33 -21.53 -5.54
N THR D 52 4.66 -21.30 -4.26
CA THR D 52 4.98 -22.36 -3.28
C THR D 52 4.10 -22.17 -2.02
N PHE D 53 3.50 -23.28 -1.54
CA PHE D 53 2.52 -23.32 -0.41
C PHE D 53 3.30 -24.12 0.64
N ILE D 54 3.73 -23.46 1.71
CA ILE D 54 4.59 -24.10 2.72
C ILE D 54 3.69 -24.23 3.98
N VAL D 55 3.09 -25.40 4.21
CA VAL D 55 1.95 -25.56 5.16
C VAL D 55 2.21 -26.59 6.27
N THR D 56 1.68 -26.31 7.46
CA THR D 56 1.59 -27.25 8.58
C THR D 56 0.11 -27.51 8.95
N ALA D 57 -0.27 -28.78 8.98
CA ALA D 57 -1.64 -29.21 9.35
C ALA D 57 -1.63 -29.71 10.80
N GLY D 58 -2.26 -28.94 11.69
CA GLY D 58 -2.33 -29.26 13.12
C GLY D 58 -3.33 -30.34 13.41
N ALA D 59 -3.19 -31.00 14.57
CA ALA D 59 -4.04 -32.12 14.97
C ALA D 59 -5.49 -31.68 15.16
N ASP D 60 -5.64 -30.39 15.47
CA ASP D 60 -6.92 -29.77 15.78
C ASP D 60 -7.69 -29.22 14.55
N GLY D 61 -7.18 -29.38 13.33
CA GLY D 61 -7.81 -28.80 12.13
C GLY D 61 -7.21 -27.51 11.58
N ALA D 62 -6.16 -26.99 12.22
CA ALA D 62 -5.54 -25.72 11.78
C ALA D 62 -4.58 -25.92 10.60
N LEU D 63 -4.66 -25.02 9.62
CA LEU D 63 -3.62 -24.85 8.61
C LEU D 63 -2.87 -23.55 8.90
N THR D 64 -1.52 -23.62 8.94
CA THR D 64 -0.68 -22.45 9.13
CA THR D 64 -0.67 -22.45 9.14
C THR D 64 0.54 -22.57 8.22
N GLY D 65 1.23 -21.44 7.99
CA GLY D 65 2.46 -21.42 7.18
C GLY D 65 2.68 -20.18 6.34
N THR D 66 3.46 -20.36 5.25
CA THR D 66 3.90 -19.25 4.36
CA THR D 66 3.92 -19.27 4.39
C THR D 66 3.57 -19.57 2.91
N TYR D 67 3.09 -18.56 2.18
CA TYR D 67 2.83 -18.67 0.76
C TYR D 67 3.83 -17.78 0.02
N GLU D 68 4.54 -18.35 -0.95
CA GLU D 68 5.56 -17.62 -1.74
C GLU D 68 5.07 -17.46 -3.17
N SER D 69 4.83 -16.21 -3.61
CA SER D 69 4.35 -15.93 -4.99
C SER D 69 5.49 -16.06 -6.05
N ALA D 70 6.75 -16.06 -5.58
CA ALA D 70 7.94 -16.30 -6.41
C ALA D 70 9.03 -16.77 -5.44
N VAL D 71 10.04 -17.45 -5.96
CA VAL D 71 11.12 -17.96 -5.10
C VAL D 71 12.27 -16.95 -4.94
N GLY D 72 12.93 -17.00 -3.78
CA GLY D 72 14.17 -16.24 -3.53
C GLY D 72 14.01 -14.73 -3.43
N ASN D 73 12.83 -14.29 -2.98
CA ASN D 73 12.52 -12.86 -2.82
C ASN D 73 11.72 -12.70 -1.51
N ALA D 74 12.28 -11.96 -0.54
CA ALA D 74 11.55 -11.67 0.73
C ALA D 74 10.26 -10.94 0.46
N GLU D 75 10.23 -10.12 -0.58
CA GLU D 75 9.06 -9.32 -0.91
C GLU D 75 7.89 -10.20 -1.38
N SER D 76 8.16 -11.47 -1.71
CA SER D 76 7.12 -12.40 -2.22
C SER D 76 6.58 -13.43 -1.22
N ARG D 77 6.93 -13.27 0.06
CA ARG D 77 6.51 -14.18 1.15
C ARG D 77 5.39 -13.58 1.97
N TYR D 78 4.33 -14.36 2.18
CA TYR D 78 3.11 -13.93 2.90
C TYR D 78 2.61 -14.98 3.88
N VAL D 79 1.95 -14.51 4.96
CA VAL D 79 1.31 -15.40 5.94
C VAL D 79 0.06 -16.04 5.31
N LEU D 80 -0.15 -17.32 5.59
CA LEU D 80 -1.45 -17.95 5.32
C LEU D 80 -2.05 -18.56 6.59
N THR D 81 -3.38 -18.60 6.63
CA THR D 81 -4.09 -19.34 7.66
CA THR D 81 -4.09 -19.39 7.67
C THR D 81 -5.34 -20.01 7.06
N GLY D 82 -5.70 -21.18 7.59
CA GLY D 82 -6.89 -21.89 7.13
C GLY D 82 -7.29 -23.04 8.02
N ARG D 83 -8.13 -23.90 7.45
CA ARG D 83 -8.76 -25.03 8.21
C ARG D 83 -8.87 -26.24 7.30
N TYR D 84 -8.80 -27.44 7.88
CA TYR D 84 -9.03 -28.70 7.12
C TYR D 84 -9.83 -29.70 7.98
N ASP D 85 -10.48 -30.64 7.32
CA ASP D 85 -11.20 -31.73 7.99
C ASP D 85 -10.17 -32.73 8.56
N SER D 86 -10.02 -32.73 9.88
CA SER D 86 -9.06 -33.62 10.56
C SER D 86 -9.56 -35.07 10.77
N ALA D 87 -10.79 -35.37 10.34
CA ALA D 87 -11.35 -36.74 10.40
C ALA D 87 -12.14 -37.02 9.12
N PRO D 88 -11.43 -37.10 7.95
CA PRO D 88 -12.14 -37.32 6.71
C PRO D 88 -12.82 -38.68 6.62
N ALA D 89 -13.67 -38.82 5.61
CA ALA D 89 -14.31 -40.11 5.32
C ALA D 89 -13.24 -41.15 4.90
N THR D 90 -13.55 -42.43 5.12
CA THR D 90 -12.64 -43.53 4.80
C THR D 90 -13.16 -44.35 3.59
N ASP D 91 -13.94 -43.70 2.72
CA ASP D 91 -14.61 -44.35 1.59
C ASP D 91 -13.94 -44.05 0.24
N GLY D 92 -12.74 -43.46 0.26
CA GLY D 92 -12.05 -43.03 -0.95
C GLY D 92 -12.24 -41.57 -1.32
N SER D 93 -13.02 -40.83 -0.53
CA SER D 93 -13.22 -39.39 -0.77
C SER D 93 -12.01 -38.57 -0.35
N GLY D 94 -11.83 -37.40 -0.97
CA GLY D 94 -10.75 -36.49 -0.59
C GLY D 94 -11.04 -35.80 0.75
N THR D 95 -10.07 -34.99 1.19
CA THR D 95 -10.12 -34.29 2.46
C THR D 95 -10.39 -32.82 2.20
N ALA D 96 -11.54 -32.31 2.66
CA ALA D 96 -11.90 -30.90 2.43
C ALA D 96 -11.01 -29.94 3.22
N LEU D 97 -10.69 -28.79 2.60
CA LEU D 97 -9.84 -27.79 3.22
C LEU D 97 -9.99 -26.43 2.55
N GLY D 98 -9.47 -25.41 3.22
CA GLY D 98 -9.41 -24.07 2.65
C GLY D 98 -8.42 -23.19 3.38
N TRP D 99 -7.87 -22.19 2.68
CA TRP D 99 -7.02 -21.21 3.33
C TRP D 99 -7.10 -19.84 2.65
N THR D 100 -6.57 -18.84 3.36
CA THR D 100 -6.54 -17.42 2.94
C THR D 100 -5.16 -16.84 3.02
N VAL D 101 -4.80 -16.08 1.97
CA VAL D 101 -3.67 -15.14 2.03
C VAL D 101 -4.15 -13.71 1.75
N ALA D 102 -3.88 -12.80 2.69
CA ALA D 102 -4.00 -11.35 2.43
C ALA D 102 -2.66 -10.90 1.84
N TRP D 103 -2.66 -10.23 0.67
CA TRP D 103 -1.42 -9.90 -0.09
C TRP D 103 -0.76 -8.63 0.46
N LYS D 104 -0.49 -8.65 1.76
CA LYS D 104 0.25 -7.58 2.47
C LYS D 104 1.37 -8.26 3.25
N ASN D 105 2.56 -7.68 3.15
CA ASN D 105 3.70 -8.00 4.00
C ASN D 105 4.45 -6.68 4.33
N ASN D 106 5.64 -6.74 4.92
CA ASN D 106 6.34 -5.47 5.26
C ASN D 106 6.94 -4.73 4.07
N TYR D 107 6.90 -5.35 2.88
CA TYR D 107 7.45 -4.79 1.65
C TYR D 107 6.42 -4.32 0.63
N ARG D 108 5.24 -4.93 0.65
CA ARG D 108 4.25 -4.83 -0.41
C ARG D 108 2.85 -4.83 0.20
N ASN D 109 1.91 -4.16 -0.47
CA ASN D 109 0.48 -4.33 -0.13
C ASN D 109 -0.36 -4.12 -1.39
N ALA D 110 -0.97 -5.23 -1.88
CA ALA D 110 -1.82 -5.21 -3.07
C ALA D 110 -3.29 -4.93 -2.78
N HIS D 111 -3.64 -4.67 -1.49
CA HIS D 111 -5.02 -4.39 -1.09
C HIS D 111 -5.99 -5.45 -1.65
N SER D 112 -5.64 -6.71 -1.41
CA SER D 112 -6.29 -7.86 -2.02
C SER D 112 -6.13 -9.09 -1.14
N ALA D 113 -7.03 -10.08 -1.30
CA ALA D 113 -6.90 -11.37 -0.62
C ALA D 113 -7.41 -12.50 -1.52
N THR D 114 -6.71 -13.63 -1.47
CA THR D 114 -7.17 -14.87 -2.12
C THR D 114 -7.60 -15.91 -1.09
N THR D 115 -8.69 -16.60 -1.42
CA THR D 115 -9.11 -17.81 -0.68
C THR D 115 -9.08 -18.99 -1.67
N TRP D 116 -8.52 -20.10 -1.22
CA TRP D 116 -8.53 -21.36 -1.96
C TRP D 116 -9.43 -22.34 -1.20
N SER D 117 -10.37 -22.96 -1.93
CA SER D 117 -11.30 -23.96 -1.38
C SER D 117 -11.11 -25.24 -2.18
N GLY D 118 -10.90 -26.38 -1.52
CA GLY D 118 -10.62 -27.58 -2.29
C GLY D 118 -10.54 -28.86 -1.49
N GLN D 119 -9.83 -29.84 -2.04
CA GLN D 119 -9.66 -31.12 -1.37
C GLN D 119 -8.29 -31.73 -1.68
N TYR D 120 -7.74 -32.36 -0.64
CA TYR D 120 -6.53 -33.14 -0.73
C TYR D 120 -6.89 -34.55 -1.16
N VAL D 121 -6.14 -35.06 -2.14
CA VAL D 121 -6.33 -36.40 -2.70
C VAL D 121 -5.01 -37.14 -2.50
N GLY D 122 -5.03 -38.16 -1.65
CA GLY D 122 -3.84 -38.96 -1.35
C GLY D 122 -3.44 -39.98 -2.41
N GLY D 123 -2.26 -40.59 -2.20
CA GLY D 123 -1.68 -41.58 -3.13
C GLY D 123 -0.25 -41.24 -3.57
N ALA D 124 0.29 -42.07 -4.45
CA ALA D 124 1.66 -41.86 -4.94
C ALA D 124 1.79 -40.56 -5.73
N GLU D 125 0.70 -40.10 -6.36
CA GLU D 125 0.66 -38.81 -7.03
C GLU D 125 -0.34 -37.91 -6.29
N ALA D 126 -0.01 -37.62 -5.04
CA ALA D 126 -0.89 -36.78 -4.19
C ALA D 126 -1.04 -35.36 -4.74
N ARG D 127 -2.23 -34.80 -4.54
CA ARG D 127 -2.59 -33.49 -5.09
C ARG D 127 -3.48 -32.73 -4.12
N ILE D 128 -3.40 -31.41 -4.17
CA ILE D 128 -4.46 -30.55 -3.57
C ILE D 128 -5.11 -29.79 -4.72
N ASN D 129 -6.38 -30.13 -5.01
CA ASN D 129 -7.14 -29.54 -6.09
C ASN D 129 -8.02 -28.41 -5.54
N THR D 130 -7.82 -27.22 -6.08
CA THR D 130 -8.53 -26.04 -5.58
C THR D 130 -9.23 -25.23 -6.66
N GLN D 131 -10.26 -24.52 -6.18
CA GLN D 131 -10.77 -23.34 -6.86
CA GLN D 131 -10.87 -23.35 -6.82
C GLN D 131 -10.55 -22.15 -5.92
N TRP D 132 -10.41 -20.94 -6.49
CA TRP D 132 -10.02 -19.78 -5.71
C TRP D 132 -10.71 -18.51 -6.16
N LEU D 133 -10.81 -17.57 -5.19
CA LEU D 133 -11.42 -16.24 -5.36
C LEU D 133 -10.43 -15.19 -4.85
N LEU D 134 -10.03 -14.28 -5.77
CA LEU D 134 -9.12 -13.17 -5.46
C LEU D 134 -9.90 -11.88 -5.49
N THR D 135 -10.14 -11.30 -4.29
CA THR D 135 -10.89 -10.05 -4.19
C THR D 135 -9.94 -8.89 -3.90
N SER D 136 -10.07 -7.79 -4.67
CA SER D 136 -9.36 -6.53 -4.40
CA SER D 136 -9.35 -6.55 -4.37
C SER D 136 -10.32 -5.51 -3.82
N GLY D 137 -9.82 -4.65 -2.93
CA GLY D 137 -10.63 -3.56 -2.42
C GLY D 137 -10.97 -2.57 -3.51
N THR D 138 -12.25 -2.23 -3.66
CA THR D 138 -12.74 -1.30 -4.68
C THR D 138 -13.73 -0.30 -4.10
N THR D 139 -14.09 0.73 -4.86
CA THR D 139 -15.30 1.51 -4.58
C THR D 139 -16.54 0.65 -4.86
N GLU D 140 -17.72 1.10 -4.42
CA GLU D 140 -18.96 0.37 -4.66
C GLU D 140 -19.33 0.36 -6.14
N ALA D 141 -19.09 1.47 -6.84
CA ALA D 141 -19.33 1.52 -8.28
C ALA D 141 -18.44 0.57 -9.08
N ASN D 142 -17.25 0.24 -8.57
CA ASN D 142 -16.32 -0.67 -9.25
C ASN D 142 -16.34 -2.11 -8.70
N ALA D 143 -17.31 -2.43 -7.84
CA ALA D 143 -17.31 -3.73 -7.17
C ALA D 143 -17.54 -4.89 -8.13
N TRP D 144 -18.21 -4.64 -9.26
CA TRP D 144 -18.36 -5.65 -10.30
C TRP D 144 -17.04 -6.20 -10.81
N LYS D 145 -15.96 -5.41 -10.76
CA LYS D 145 -14.63 -5.88 -11.20
C LYS D 145 -13.66 -6.21 -10.04
N SER D 146 -14.20 -6.44 -8.86
CA SER D 146 -13.40 -6.72 -7.68
C SER D 146 -12.82 -8.13 -7.57
N THR D 147 -13.47 -9.14 -8.19
CA THR D 147 -13.16 -10.54 -7.89
C THR D 147 -12.81 -11.40 -9.08
N LEU D 148 -11.57 -11.92 -9.06
CA LEU D 148 -11.13 -12.91 -10.05
C LEU D 148 -11.39 -14.33 -9.53
N VAL D 149 -11.72 -15.25 -10.45
CA VAL D 149 -11.91 -16.66 -10.10
C VAL D 149 -10.99 -17.55 -10.96
N GLY D 150 -10.50 -18.63 -10.37
CA GLY D 150 -9.68 -19.59 -11.12
C GLY D 150 -9.56 -20.89 -10.38
N HIS D 151 -8.65 -21.74 -10.87
CA HIS D 151 -8.40 -23.05 -10.28
C HIS D 151 -6.92 -23.37 -10.29
N ASP D 152 -6.40 -24.05 -9.26
CA ASP D 152 -5.03 -24.49 -9.29
C ASP D 152 -4.88 -25.82 -8.60
N THR D 153 -4.09 -26.68 -9.24
CA THR D 153 -3.71 -27.97 -8.65
CA THR D 153 -3.71 -27.97 -8.65
C THR D 153 -2.32 -27.81 -8.05
N PHE D 154 -2.14 -28.28 -6.83
CA PHE D 154 -0.83 -28.28 -6.13
C PHE D 154 -0.28 -29.71 -6.10
N THR D 155 1.04 -29.83 -6.30
CA THR D 155 1.75 -31.09 -6.34
C THR D 155 2.97 -31.04 -5.43
N LYS D 156 3.47 -32.21 -5.06
CA LYS D 156 4.65 -32.29 -4.20
C LYS D 156 5.96 -32.17 -5.01
N VAL D 157 5.88 -32.25 -6.35
CA VAL D 157 7.04 -32.04 -7.25
C VAL D 157 6.72 -30.80 -8.14
N LYS D 158 7.67 -29.89 -8.30
CA LYS D 158 7.50 -28.73 -9.23
C LYS D 158 7.03 -29.14 -10.64
N PRO D 159 5.99 -28.49 -11.18
CA PRO D 159 5.55 -28.81 -12.54
C PRO D 159 6.42 -28.14 -13.61
N GLY E 1 11.21 -14.76 -12.03
CA GLY E 1 9.84 -14.32 -11.64
C GLY E 1 8.74 -15.00 -12.42
N ASN E 2 7.54 -14.42 -12.35
CA ASN E 2 6.35 -14.96 -13.05
C ASN E 2 5.22 -13.93 -13.13
N SER E 3 4.18 -14.23 -13.92
CA SER E 3 3.07 -13.29 -14.15
C SER E 3 2.37 -12.85 -12.85
N PHE E 4 2.03 -13.81 -11.98
CA PHE E 4 1.29 -13.50 -10.75
C PHE E 4 2.15 -12.65 -9.82
N ASP E 5 3.42 -13.05 -9.61
CA ASP E 5 4.30 -12.24 -8.75
C ASP E 5 4.54 -10.84 -9.34
N ASP E 6 4.65 -10.74 -10.67
CA ASP E 6 4.82 -9.45 -11.35
C ASP E 6 3.65 -8.51 -11.14
N TRP E 7 2.42 -9.06 -11.19
CA TRP E 7 1.17 -8.34 -10.87
C TRP E 7 1.26 -7.78 -9.43
N LEU E 8 1.66 -8.62 -8.48
CA LEU E 8 1.85 -8.16 -7.09
C LEU E 8 2.97 -7.08 -7.00
N ALA E 9 4.10 -7.30 -7.67
CA ALA E 9 5.25 -6.35 -7.68
C ALA E 9 4.83 -5.03 -8.28
N SER E 10 4.03 -5.07 -9.34
CA SER E 10 3.50 -3.86 -9.99
C SER E 10 2.58 -3.08 -9.05
N LYS E 11 1.78 -3.79 -8.25
CA LYS E 11 0.92 -3.14 -7.25
C LYS E 11 1.74 -2.44 -6.15
N GLY E 12 2.92 -2.98 -5.85
CA GLY E 12 3.86 -2.39 -4.92
C GLY E 12 3.31 -2.35 -3.50
N NH2 E 13 4.22 -0.85 -2.13
N GLU F 38 -8.41 -17.94 -39.80
CA GLU F 38 -9.46 -18.95 -39.49
C GLU F 38 -9.76 -18.97 -37.99
N ALA F 39 -11.04 -19.06 -37.65
CA ALA F 39 -11.46 -19.05 -36.24
C ALA F 39 -11.00 -20.31 -35.48
N GLY F 40 -11.05 -21.48 -36.14
CA GLY F 40 -10.54 -22.74 -35.57
C GLY F 40 -11.48 -23.47 -34.59
N ILE F 41 -12.68 -22.93 -34.41
CA ILE F 41 -13.61 -23.40 -33.36
C ILE F 41 -14.56 -24.46 -33.90
N THR F 42 -15.04 -24.33 -35.13
CA THR F 42 -15.98 -25.30 -35.67
C THR F 42 -15.41 -26.72 -35.64
N GLY F 43 -16.22 -27.68 -35.19
CA GLY F 43 -15.85 -29.08 -35.14
C GLY F 43 -16.24 -29.74 -33.84
N THR F 44 -15.65 -30.90 -33.59
CA THR F 44 -15.95 -31.75 -32.45
C THR F 44 -14.86 -31.58 -31.38
N TRP F 45 -15.28 -31.36 -30.14
CA TRP F 45 -14.41 -31.16 -28.98
C TRP F 45 -14.79 -32.16 -27.87
N TYR F 46 -13.82 -32.54 -27.05
CA TYR F 46 -13.95 -33.57 -26.01
C TYR F 46 -13.44 -33.01 -24.68
N ASN F 47 -14.18 -33.25 -23.60
CA ASN F 47 -13.65 -32.91 -22.25
C ASN F 47 -13.13 -34.18 -21.56
N GLN F 48 -12.89 -34.13 -20.25
CA GLN F 48 -12.53 -35.34 -19.44
C GLN F 48 -13.72 -36.05 -18.76
N LEU F 49 -14.88 -35.41 -18.69
CA LEU F 49 -16.06 -36.01 -18.06
C LEU F 49 -16.76 -37.09 -18.92
N GLY F 50 -16.29 -37.33 -20.15
CA GLY F 50 -17.01 -38.19 -21.12
C GLY F 50 -17.95 -37.42 -22.04
N SER F 51 -17.86 -36.08 -22.04
CA SER F 51 -18.76 -35.26 -22.84
C SER F 51 -18.09 -34.87 -24.17
N THR F 52 -18.95 -34.58 -25.14
CA THR F 52 -18.56 -34.13 -26.50
C THR F 52 -19.38 -32.85 -26.88
N PHE F 53 -18.73 -31.85 -27.48
CA PHE F 53 -19.22 -30.44 -27.76
C PHE F 53 -19.05 -30.44 -29.30
N ILE F 54 -20.17 -30.37 -30.01
CA ILE F 54 -20.23 -30.46 -31.44
C ILE F 54 -20.72 -29.08 -31.92
N VAL F 55 -19.80 -28.19 -32.34
CA VAL F 55 -20.10 -26.73 -32.50
C VAL F 55 -19.83 -26.18 -33.92
N THR F 56 -20.70 -25.27 -34.33
CA THR F 56 -20.47 -24.44 -35.52
C THR F 56 -20.35 -22.96 -35.15
N ALA F 57 -19.23 -22.36 -35.52
CA ALA F 57 -18.94 -20.93 -35.30
C ALA F 57 -19.30 -20.15 -36.52
N GLY F 58 -20.40 -19.41 -36.47
CA GLY F 58 -20.87 -18.59 -37.58
C GLY F 58 -20.04 -17.33 -37.79
N ALA F 59 -20.06 -16.79 -39.02
CA ALA F 59 -19.29 -15.57 -39.32
C ALA F 59 -19.74 -14.35 -38.52
N ASP F 60 -21.02 -14.35 -38.11
CA ASP F 60 -21.63 -13.30 -37.30
C ASP F 60 -21.36 -13.34 -35.77
N GLY F 61 -20.58 -14.31 -35.27
CA GLY F 61 -20.35 -14.49 -33.81
C GLY F 61 -21.19 -15.57 -33.11
N ALA F 62 -22.07 -16.23 -33.86
CA ALA F 62 -22.93 -17.26 -33.26
C ALA F 62 -22.21 -18.58 -33.00
N LEU F 63 -22.45 -19.20 -31.85
CA LEU F 63 -22.17 -20.60 -31.61
C LEU F 63 -23.50 -21.38 -31.56
N THR F 64 -23.57 -22.46 -32.34
CA THR F 64 -24.72 -23.36 -32.36
C THR F 64 -24.21 -24.80 -32.41
N GLY F 65 -25.04 -25.75 -32.01
CA GLY F 65 -24.72 -27.17 -32.12
C GLY F 65 -25.36 -28.04 -31.05
N THR F 66 -24.71 -29.17 -30.74
CA THR F 66 -25.23 -30.17 -29.81
CA THR F 66 -25.24 -30.20 -29.86
C THR F 66 -24.17 -30.56 -28.82
N TYR F 67 -24.59 -30.65 -27.54
CA TYR F 67 -23.72 -31.13 -26.46
C TYR F 67 -24.17 -32.52 -26.04
N GLU F 68 -23.24 -33.47 -25.94
CA GLU F 68 -23.53 -34.85 -25.55
C GLU F 68 -22.87 -35.16 -24.21
N SER F 69 -23.69 -35.44 -23.19
CA SER F 69 -23.16 -35.79 -21.86
C SER F 69 -22.64 -37.22 -21.75
N ALA F 70 -22.96 -38.03 -22.75
CA ALA F 70 -22.46 -39.40 -22.86
C ALA F 70 -22.61 -39.82 -24.32
N VAL F 71 -21.78 -40.76 -24.76
CA VAL F 71 -21.76 -41.15 -26.17
C VAL F 71 -22.83 -42.22 -26.44
N GLY F 72 -23.41 -42.16 -27.65
CA GLY F 72 -24.18 -43.28 -28.21
C GLY F 72 -25.66 -43.36 -27.91
N ASN F 73 -26.22 -42.34 -27.25
CA ASN F 73 -27.62 -42.36 -26.86
C ASN F 73 -28.26 -40.99 -27.07
N ALA F 74 -29.34 -40.95 -27.84
CA ALA F 74 -30.09 -39.70 -28.09
C ALA F 74 -30.58 -39.02 -26.80
N GLU F 75 -30.79 -39.79 -25.74
CA GLU F 75 -31.23 -39.22 -24.46
C GLU F 75 -30.17 -38.33 -23.81
N SER F 76 -28.90 -38.46 -24.24
CA SER F 76 -27.82 -37.63 -23.72
C SER F 76 -27.40 -36.45 -24.62
N ARG F 77 -28.22 -36.11 -25.61
CA ARG F 77 -27.93 -35.03 -26.57
C ARG F 77 -28.82 -33.82 -26.29
N TYR F 78 -28.20 -32.64 -26.20
CA TYR F 78 -28.90 -31.39 -25.85
C TYR F 78 -28.48 -30.24 -26.78
N VAL F 79 -29.39 -29.31 -27.01
CA VAL F 79 -29.11 -28.11 -27.78
C VAL F 79 -28.14 -27.21 -27.02
N LEU F 80 -27.17 -26.63 -27.72
CA LEU F 80 -26.39 -25.56 -27.15
C LEU F 80 -26.46 -24.31 -28.01
N THR F 81 -26.30 -23.16 -27.37
CA THR F 81 -26.24 -21.90 -28.08
CA THR F 81 -26.22 -21.86 -28.10
C THR F 81 -25.32 -20.93 -27.33
N GLY F 82 -24.57 -20.12 -28.06
CA GLY F 82 -23.69 -19.16 -27.44
C GLY F 82 -23.11 -18.17 -28.44
N ARG F 83 -22.05 -17.50 -27.98
CA ARG F 83 -21.43 -16.38 -28.73
C ARG F 83 -19.90 -16.46 -28.59
N TYR F 84 -19.20 -15.99 -29.64
CA TYR F 84 -17.74 -15.85 -29.61
C TYR F 84 -17.25 -14.55 -30.28
N ASP F 85 -16.05 -14.13 -29.87
CA ASP F 85 -15.38 -12.98 -30.53
C ASP F 85 -14.92 -13.36 -31.94
N SER F 86 -15.65 -12.88 -32.95
CA SER F 86 -15.28 -13.17 -34.36
C SER F 86 -14.13 -12.32 -34.94
N ALA F 87 -13.57 -11.40 -34.15
CA ALA F 87 -12.41 -10.61 -34.58
C ALA F 87 -11.43 -10.48 -33.41
N PRO F 88 -10.79 -11.59 -33.00
CA PRO F 88 -9.91 -11.56 -31.83
C PRO F 88 -8.65 -10.71 -32.05
N ALA F 89 -7.96 -10.38 -30.96
CA ALA F 89 -6.70 -9.62 -31.08
C ALA F 89 -5.64 -10.49 -31.78
N THR F 90 -4.60 -9.84 -32.33
CA THR F 90 -3.47 -10.50 -33.03
C THR F 90 -2.16 -10.42 -32.22
N ASP F 91 -2.26 -10.36 -30.89
CA ASP F 91 -1.14 -10.12 -29.96
C ASP F 91 -0.81 -11.35 -29.07
N GLY F 92 -1.18 -12.54 -29.54
CA GLY F 92 -0.94 -13.79 -28.80
C GLY F 92 -2.06 -14.18 -27.82
N SER F 93 -3.10 -13.36 -27.73
CA SER F 93 -4.23 -13.62 -26.82
C SER F 93 -5.20 -14.69 -27.37
N GLY F 94 -5.89 -15.41 -26.46
CA GLY F 94 -6.95 -16.35 -26.88
C GLY F 94 -8.20 -15.63 -27.36
N THR F 95 -9.17 -16.42 -27.83
CA THR F 95 -10.44 -15.94 -28.36
C THR F 95 -11.56 -16.16 -27.33
N ALA F 96 -12.14 -15.07 -26.81
CA ALA F 96 -13.20 -15.17 -25.77
C ALA F 96 -14.47 -15.76 -26.36
N LEU F 97 -15.14 -16.59 -25.53
CA LEU F 97 -16.41 -17.25 -25.94
C LEU F 97 -17.23 -17.70 -24.73
N GLY F 98 -18.50 -18.03 -25.01
CA GLY F 98 -19.32 -18.66 -23.97
C GLY F 98 -20.48 -19.37 -24.60
N TRP F 99 -21.05 -20.33 -23.88
CA TRP F 99 -22.28 -21.00 -24.33
C TRP F 99 -23.09 -21.53 -23.14
N THR F 100 -24.34 -21.88 -23.47
CA THR F 100 -25.33 -22.42 -22.53
C THR F 100 -25.91 -23.70 -23.02
N VAL F 101 -26.11 -24.67 -22.10
CA VAL F 101 -26.98 -25.84 -22.31
C VAL F 101 -28.03 -25.85 -21.19
N ALA F 102 -29.32 -25.83 -21.56
CA ALA F 102 -30.40 -26.17 -20.62
C ALA F 102 -30.59 -27.68 -20.72
N TRP F 103 -30.60 -28.36 -19.55
CA TRP F 103 -30.54 -29.85 -19.51
C TRP F 103 -31.93 -30.49 -19.67
N LYS F 104 -32.61 -30.09 -20.75
CA LYS F 104 -33.92 -30.61 -21.14
C LYS F 104 -33.81 -31.00 -22.63
N ASN F 105 -34.29 -32.21 -22.93
CA ASN F 105 -34.49 -32.66 -24.30
C ASN F 105 -35.83 -33.47 -24.32
N ASN F 106 -36.10 -34.23 -25.38
CA ASN F 106 -37.39 -34.96 -25.44
C ASN F 106 -37.45 -36.18 -24.50
N TYR F 107 -36.31 -36.57 -23.92
CA TYR F 107 -36.19 -37.75 -23.02
C TYR F 107 -36.08 -37.43 -21.52
N ARG F 108 -35.56 -36.25 -21.19
CA ARG F 108 -35.13 -35.91 -19.83
C ARG F 108 -35.35 -34.43 -19.57
N ASN F 109 -35.47 -34.08 -18.29
CA ASN F 109 -35.44 -32.68 -17.85
C ASN F 109 -34.88 -32.62 -16.44
N ALA F 110 -33.67 -32.06 -16.30
CA ALA F 110 -33.01 -31.92 -15.00
C ALA F 110 -33.29 -30.59 -14.30
N HIS F 111 -34.16 -29.76 -14.89
CA HIS F 111 -34.49 -28.44 -14.33
C HIS F 111 -33.23 -27.68 -13.91
N SER F 112 -32.29 -27.63 -14.86
CA SER F 112 -30.93 -27.09 -14.64
C SER F 112 -30.34 -26.58 -15.94
N ALA F 113 -29.38 -25.67 -15.82
CA ALA F 113 -28.65 -25.17 -17.00
C ALA F 113 -27.21 -24.94 -16.58
N THR F 114 -26.29 -25.25 -17.52
CA THR F 114 -24.85 -24.90 -17.39
C THR F 114 -24.41 -23.82 -18.41
N THR F 115 -23.65 -22.83 -17.92
CA THR F 115 -22.95 -21.88 -18.80
C THR F 115 -21.44 -22.13 -18.65
N TRP F 116 -20.77 -22.17 -19.81
CA TRP F 116 -19.29 -22.21 -19.90
C TRP F 116 -18.75 -20.87 -20.43
N SER F 117 -17.80 -20.28 -19.71
CA SER F 117 -17.19 -19.01 -20.11
C SER F 117 -15.68 -19.30 -20.22
N GLY F 118 -15.06 -18.87 -21.32
CA GLY F 118 -13.63 -19.18 -21.52
C GLY F 118 -13.01 -18.60 -22.76
N GLN F 119 -11.95 -19.29 -23.19
CA GLN F 119 -11.22 -18.85 -24.38
C GLN F 119 -10.69 -20.02 -25.17
N TYR F 120 -10.74 -19.84 -26.49
CA TYR F 120 -10.09 -20.76 -27.46
C TYR F 120 -8.63 -20.34 -27.65
N VAL F 121 -7.75 -21.34 -27.57
CA VAL F 121 -6.29 -21.13 -27.74
C VAL F 121 -5.86 -21.99 -28.94
N GLY F 122 -5.35 -21.35 -29.99
CA GLY F 122 -5.02 -22.06 -31.25
C GLY F 122 -3.72 -22.86 -31.24
N GLY F 123 -3.31 -23.31 -32.41
CA GLY F 123 -2.05 -24.07 -32.61
C GLY F 123 -2.21 -25.58 -32.72
N ALA F 124 -1.08 -26.28 -32.80
CA ALA F 124 -1.11 -27.72 -32.96
C ALA F 124 -1.75 -28.50 -31.81
N GLU F 125 -1.71 -27.92 -30.60
CA GLU F 125 -2.39 -28.48 -29.42
C GLU F 125 -3.54 -27.57 -29.01
N ALA F 126 -4.46 -27.35 -29.93
CA ALA F 126 -5.58 -26.40 -29.67
C ALA F 126 -6.47 -26.82 -28.50
N ARG F 127 -6.96 -25.82 -27.74
CA ARG F 127 -7.75 -26.07 -26.51
C ARG F 127 -8.88 -25.05 -26.47
N ILE F 128 -9.99 -25.43 -25.85
CA ILE F 128 -10.95 -24.44 -25.28
C ILE F 128 -10.93 -24.61 -23.75
N ASN F 129 -10.43 -23.58 -23.07
CA ASN F 129 -10.27 -23.59 -21.61
C ASN F 129 -11.42 -22.81 -20.98
N THR F 130 -12.19 -23.48 -20.13
CA THR F 130 -13.46 -22.91 -19.56
C THR F 130 -13.55 -23.04 -18.04
N GLN F 131 -14.34 -22.09 -17.50
CA GLN F 131 -14.95 -22.22 -16.17
C GLN F 131 -16.44 -22.27 -16.41
N TRP F 132 -17.15 -22.98 -15.51
CA TRP F 132 -18.61 -23.18 -15.71
C TRP F 132 -19.42 -23.01 -14.40
N LEU F 133 -20.69 -22.64 -14.62
CA LEU F 133 -21.68 -22.51 -13.54
C LEU F 133 -22.90 -23.34 -13.92
N LEU F 134 -23.29 -24.28 -13.03
CA LEU F 134 -24.45 -25.17 -13.24
C LEU F 134 -25.51 -24.78 -12.18
N THR F 135 -26.57 -24.12 -12.65
CA THR F 135 -27.66 -23.71 -11.72
C THR F 135 -28.82 -24.66 -11.92
N SER F 136 -29.37 -25.12 -10.77
CA SER F 136 -30.62 -25.87 -10.74
C SER F 136 -31.74 -25.00 -10.15
N GLY F 137 -32.95 -25.15 -10.68
CA GLY F 137 -34.11 -24.49 -10.08
C GLY F 137 -34.35 -24.96 -8.66
N THR F 138 -34.48 -24.01 -7.74
CA THR F 138 -34.66 -24.33 -6.31
C THR F 138 -35.78 -23.45 -5.77
N THR F 139 -36.31 -23.85 -4.61
CA THR F 139 -37.08 -22.92 -3.79
C THR F 139 -36.18 -21.78 -3.29
N GLU F 140 -36.80 -20.69 -2.85
CA GLU F 140 -36.06 -19.56 -2.32
C GLU F 140 -35.25 -20.01 -1.06
N ALA F 141 -35.84 -20.85 -0.21
CA ALA F 141 -35.14 -21.37 0.99
C ALA F 141 -33.88 -22.15 0.68
N ASN F 142 -33.91 -22.86 -0.45
CA ASN F 142 -32.76 -23.66 -0.88
C ASN F 142 -31.83 -23.01 -1.93
N ALA F 143 -31.98 -21.71 -2.17
CA ALA F 143 -31.19 -21.04 -3.24
C ALA F 143 -29.70 -21.06 -2.97
N TRP F 144 -29.27 -21.09 -1.72
CA TRP F 144 -27.85 -21.09 -1.40
C TRP F 144 -27.17 -22.32 -2.00
N LYS F 145 -27.91 -23.40 -2.26
CA LYS F 145 -27.34 -24.63 -2.79
C LYS F 145 -27.70 -24.85 -4.28
N SER F 146 -28.08 -23.79 -4.98
CA SER F 146 -28.50 -23.88 -6.40
C SER F 146 -27.38 -24.05 -7.43
N THR F 147 -26.16 -23.60 -7.12
CA THR F 147 -25.15 -23.40 -8.17
C THR F 147 -23.84 -24.10 -7.85
N LEU F 148 -23.51 -25.05 -8.72
CA LEU F 148 -22.15 -25.67 -8.74
C LEU F 148 -21.18 -24.90 -9.66
N VAL F 149 -19.89 -24.94 -9.30
CA VAL F 149 -18.84 -24.30 -10.13
C VAL F 149 -17.78 -25.31 -10.41
N GLY F 150 -17.19 -25.18 -11.60
CA GLY F 150 -16.07 -26.04 -11.99
C GLY F 150 -15.32 -25.51 -13.19
N HIS F 151 -14.47 -26.38 -13.74
CA HIS F 151 -13.65 -26.02 -14.93
C HIS F 151 -13.57 -27.22 -15.83
N ASP F 152 -13.50 -26.96 -17.14
CA ASP F 152 -13.25 -28.02 -18.10
CA ASP F 152 -13.36 -28.01 -18.18
C ASP F 152 -12.37 -27.54 -19.24
N THR F 153 -11.44 -28.41 -19.63
CA THR F 153 -10.56 -28.18 -20.78
C THR F 153 -11.05 -29.11 -21.91
N PHE F 154 -11.33 -28.51 -23.06
CA PHE F 154 -11.75 -29.26 -24.27
C PHE F 154 -10.57 -29.34 -25.28
N THR F 155 -10.45 -30.52 -25.91
CA THR F 155 -9.39 -30.87 -26.87
CA THR F 155 -9.39 -30.85 -26.87
C THR F 155 -10.02 -31.45 -28.12
N LYS F 156 -9.29 -31.37 -29.23
CA LYS F 156 -9.73 -32.00 -30.50
C LYS F 156 -9.50 -33.53 -30.58
N VAL F 157 -8.70 -34.07 -29.67
CA VAL F 157 -8.43 -35.52 -29.49
C VAL F 157 -9.00 -35.96 -28.09
N LYS F 158 -9.68 -37.11 -28.00
CA LYS F 158 -10.27 -37.62 -26.74
C LYS F 158 -9.18 -38.13 -25.78
N PRO F 159 -9.35 -37.91 -24.45
CA PRO F 159 -8.34 -38.38 -23.49
C PRO F 159 -8.36 -39.89 -23.30
N GLY G 1 -21.21 -45.50 -19.39
CA GLY G 1 -21.80 -44.25 -18.80
C GLY G 1 -20.77 -43.47 -18.05
N ASN G 2 -21.19 -42.38 -17.41
CA ASN G 2 -20.29 -41.58 -16.56
C ASN G 2 -21.09 -40.87 -15.44
N SER G 3 -20.39 -40.34 -14.45
CA SER G 3 -21.01 -39.76 -13.25
C SER G 3 -21.99 -38.61 -13.58
N PHE G 4 -21.56 -37.69 -14.42
CA PHE G 4 -22.39 -36.55 -14.78
C PHE G 4 -23.65 -36.99 -15.52
N ASP G 5 -23.51 -37.83 -16.52
CA ASP G 5 -24.69 -38.34 -17.24
C ASP G 5 -25.62 -39.17 -16.35
N ASP G 6 -25.05 -39.95 -15.42
CA ASP G 6 -25.88 -40.69 -14.44
C ASP G 6 -26.74 -39.75 -13.59
N TRP G 7 -26.15 -38.64 -13.14
CA TRP G 7 -26.86 -37.60 -12.37
C TRP G 7 -28.00 -37.04 -13.21
N LEU G 8 -27.74 -36.66 -14.46
CA LEU G 8 -28.82 -36.17 -15.32
C LEU G 8 -29.95 -37.20 -15.44
N ALA G 9 -29.60 -38.44 -15.74
CA ALA G 9 -30.63 -39.49 -15.91
C ALA G 9 -31.50 -39.71 -14.66
N SER G 10 -30.87 -39.64 -13.47
CA SER G 10 -31.60 -39.85 -12.22
C SER G 10 -32.68 -38.79 -11.95
N LYS G 11 -32.57 -37.62 -12.59
CA LYS G 11 -33.59 -36.56 -12.42
C LYS G 11 -34.87 -36.81 -13.25
N GLY G 12 -34.80 -37.76 -14.19
CA GLY G 12 -35.92 -38.13 -14.99
C GLY G 12 -36.25 -37.02 -15.98
N NH2 G 13 -37.71 -36.92 -16.65
N GLU H 38 28.19 31.08 36.99
CA GLU H 38 26.74 30.99 36.64
C GLU H 38 26.51 30.58 35.18
N ALA H 39 25.92 29.40 34.98
CA ALA H 39 25.55 28.93 33.64
C ALA H 39 24.38 29.71 33.02
N GLY H 40 23.49 30.27 33.87
CA GLY H 40 22.35 31.09 33.43
C GLY H 40 21.16 30.34 32.85
N ILE H 41 21.21 29.01 32.86
CA ILE H 41 20.21 28.16 32.20
C ILE H 41 19.02 27.79 33.12
N THR H 42 19.29 27.48 34.39
CA THR H 42 18.22 27.12 35.32
C THR H 42 17.12 28.18 35.38
N GLY H 43 15.88 27.73 35.26
CA GLY H 43 14.70 28.59 35.35
C GLY H 43 13.64 28.29 34.32
N THR H 44 12.77 29.29 34.10
CA THR H 44 11.62 29.14 33.24
C THR H 44 11.88 29.84 31.91
N TRP H 45 11.51 29.17 30.83
CA TRP H 45 11.76 29.65 29.46
C TRP H 45 10.48 29.56 28.62
N TYR H 46 10.28 30.51 27.70
CA TYR H 46 9.05 30.59 26.89
C TYR H 46 9.41 30.63 25.43
N ASN H 47 8.72 29.84 24.60
CA ASN H 47 8.96 29.95 23.16
C ASN H 47 7.99 30.97 22.61
N GLN H 48 7.96 31.12 21.30
CA GLN H 48 7.15 32.20 20.73
C GLN H 48 5.70 31.78 20.38
N LEU H 49 5.27 30.60 20.84
CA LEU H 49 4.08 29.89 20.32
C LEU H 49 3.23 29.16 21.40
N GLY H 50 3.34 29.60 22.65
CA GLY H 50 2.52 29.05 23.74
C GLY H 50 3.12 27.94 24.60
N SER H 51 4.38 27.56 24.37
CA SER H 51 5.03 26.52 25.17
CA SER H 51 5.04 26.51 25.17
C SER H 51 5.93 27.12 26.25
N THR H 52 6.12 26.37 27.34
CA THR H 52 6.94 26.82 28.45
C THR H 52 7.76 25.64 28.89
N PHE H 53 8.95 25.89 29.40
CA PHE H 53 9.54 24.88 30.22
C PHE H 53 10.28 25.42 31.41
N ILE H 54 10.45 24.55 32.40
CA ILE H 54 11.16 24.84 33.62
C ILE H 54 12.25 23.79 33.71
N VAL H 55 13.49 24.27 33.72
CA VAL H 55 14.69 23.40 33.68
C VAL H 55 15.63 23.70 34.86
N THR H 56 16.28 22.66 35.38
CA THR H 56 17.42 22.79 36.28
C THR H 56 18.68 22.27 35.53
N ALA H 57 19.73 23.11 35.54
CA ALA H 57 21.02 22.78 34.96
C ALA H 57 21.93 22.35 36.12
N GLY H 58 22.20 21.04 36.21
CA GLY H 58 23.05 20.49 37.28
C GLY H 58 24.51 20.78 37.04
N ALA H 59 25.29 20.73 38.12
CA ALA H 59 26.71 21.10 38.07
C ALA H 59 27.55 20.23 37.13
N ASP H 60 27.15 18.96 36.97
CA ASP H 60 27.89 18.01 36.13
C ASP H 60 27.35 17.88 34.69
N GLY H 61 26.45 18.76 34.24
CA GLY H 61 25.96 18.76 32.85
C GLY H 61 24.54 18.25 32.61
N ALA H 62 23.82 17.87 33.67
CA ALA H 62 22.45 17.37 33.52
C ALA H 62 21.45 18.51 33.26
N LEU H 63 20.51 18.28 32.35
CA LEU H 63 19.27 19.08 32.27
C LEU H 63 18.08 18.20 32.68
N THR H 64 17.27 18.71 33.61
CA THR H 64 16.07 17.98 34.08
C THR H 64 14.93 18.99 34.26
N GLY H 65 13.70 18.57 34.05
CA GLY H 65 12.57 19.44 34.32
C GLY H 65 11.31 19.00 33.62
N THR H 66 10.46 19.98 33.30
CA THR H 66 9.11 19.77 32.76
CA THR H 66 9.13 19.74 32.75
C THR H 66 8.88 20.67 31.56
N TYR H 67 8.32 20.12 30.50
CA TYR H 67 7.95 20.86 29.29
C TYR H 67 6.41 20.93 29.23
N GLU H 68 5.87 22.13 29.02
CA GLU H 68 4.42 22.36 28.92
C GLU H 68 4.03 22.87 27.53
N SER H 69 3.27 22.07 26.80
CA SER H 69 2.84 22.40 25.44
C SER H 69 1.71 23.43 25.36
N ALA H 70 1.02 23.67 26.48
CA ALA H 70 0.03 24.75 26.57
C ALA H 70 -0.14 25.11 28.06
N VAL H 71 -0.57 26.34 28.35
CA VAL H 71 -0.71 26.80 29.74
C VAL H 71 -1.97 26.22 30.39
N GLY H 72 -1.88 25.94 31.69
CA GLY H 72 -3.07 25.74 32.54
C GLY H 72 -3.66 24.35 32.63
N ASN H 73 -3.06 23.38 31.93
CA ASN H 73 -3.54 21.98 32.01
C ASN H 73 -2.40 20.99 32.22
N ALA H 74 -2.59 20.19 33.27
CA ALA H 74 -1.73 19.10 33.64
C ALA H 74 -1.56 18.11 32.51
N GLU H 75 -2.58 18.01 31.63
CA GLU H 75 -2.50 17.09 30.51
C GLU H 75 -1.47 17.49 29.48
N SER H 76 -0.99 18.75 29.54
CA SER H 76 0.01 19.25 28.59
CA SER H 76 0.01 19.26 28.59
C SER H 76 1.42 19.29 29.18
N ARG H 77 1.66 18.66 30.32
CA ARG H 77 2.96 18.66 31.00
C ARG H 77 3.67 17.33 30.82
N TYR H 78 4.94 17.40 30.38
CA TYR H 78 5.74 16.21 30.04
C TYR H 78 7.17 16.31 30.62
N VAL H 79 7.77 15.16 30.92
CA VAL H 79 9.13 15.10 31.44
C VAL H 79 10.13 15.50 30.32
N LEU H 80 11.14 16.31 30.68
CA LEU H 80 12.25 16.61 29.77
C LEU H 80 13.54 16.20 30.44
N THR H 81 14.46 15.67 29.62
CA THR H 81 15.78 15.32 30.08
CA THR H 81 15.84 15.36 30.08
C THR H 81 16.82 15.64 28.97
N GLY H 82 18.00 16.13 29.35
CA GLY H 82 19.04 16.45 28.39
C GLY H 82 20.38 16.73 29.02
N ARG H 83 21.27 17.33 28.23
CA ARG H 83 22.65 17.61 28.64
C ARG H 83 23.10 18.99 28.16
N TYR H 84 24.05 19.61 28.86
CA TYR H 84 24.63 20.87 28.40
C TYR H 84 26.12 20.91 28.74
N ASP H 85 26.88 21.76 28.02
CA ASP H 85 28.30 22.01 28.28
C ASP H 85 28.45 22.83 29.58
N SER H 86 28.89 22.17 30.64
CA SER H 86 29.06 22.80 31.94
C SER H 86 30.38 23.58 32.10
N ALA H 87 31.23 23.58 31.08
CA ALA H 87 32.45 24.41 31.07
C ALA H 87 32.63 25.08 29.70
N PRO H 88 31.75 26.03 29.36
CA PRO H 88 31.81 26.63 28.02
C PRO H 88 33.04 27.52 27.78
N ALA H 89 33.31 27.83 26.52
CA ALA H 89 34.43 28.71 26.16
C ALA H 89 34.19 30.12 26.70
N THR H 90 35.29 30.84 26.89
CA THR H 90 35.24 32.22 27.40
C THR H 90 35.66 33.20 26.31
N ASP H 91 35.28 32.91 25.06
CA ASP H 91 35.69 33.68 23.87
C ASP H 91 34.49 34.30 23.13
N GLY H 92 33.36 34.51 23.82
CA GLY H 92 32.16 35.08 23.21
C GLY H 92 31.17 34.05 22.64
N SER H 93 31.56 32.78 22.66
CA SER H 93 30.71 31.70 22.13
C SER H 93 29.55 31.32 23.05
N GLY H 94 28.46 30.83 22.43
CA GLY H 94 27.33 30.30 23.22
C GLY H 94 27.64 28.97 23.89
N THR H 95 26.67 28.51 24.72
CA THR H 95 26.76 27.24 25.46
C THR H 95 25.93 26.15 24.79
N ALA H 96 26.59 25.12 24.25
CA ALA H 96 25.91 24.03 23.56
C ALA H 96 25.07 23.19 24.54
N LEU H 97 23.91 22.75 24.05
CA LEU H 97 22.98 21.96 24.84
C LEU H 97 21.99 21.21 23.95
N GLY H 98 21.26 20.27 24.57
CA GLY H 98 20.16 19.60 23.88
C GLY H 98 19.26 18.89 24.90
N TRP H 99 18.01 18.64 24.50
CA TRP H 99 17.09 17.85 25.36
C TRP H 99 16.06 17.11 24.52
N THR H 100 15.40 16.15 25.18
CA THR H 100 14.35 15.31 24.60
C THR H 100 13.07 15.41 25.46
N VAL H 101 11.93 15.41 24.77
CA VAL H 101 10.62 15.13 25.42
C VAL H 101 9.97 14.00 24.61
N ALA H 102 9.67 12.89 25.26
CA ALA H 102 8.76 11.88 24.69
C ALA H 102 7.33 12.30 25.03
N TRP H 103 6.45 12.33 24.03
CA TRP H 103 5.09 12.91 24.18
C TRP H 103 4.06 11.93 24.78
N LYS H 104 4.46 11.36 25.93
CA LYS H 104 3.63 10.48 26.76
C LYS H 104 3.64 11.03 28.17
N ASN H 105 2.46 11.14 28.76
CA ASN H 105 2.29 11.40 30.19
C ASN H 105 1.11 10.52 30.67
N ASN H 106 0.56 10.80 31.86
CA ASN H 106 -0.55 9.97 32.39
C ASN H 106 -1.90 10.25 31.73
N TYR H 107 -2.03 11.31 30.95
CA TYR H 107 -3.23 11.68 30.22
C TYR H 107 -3.27 11.31 28.74
N ARG H 108 -2.11 11.28 28.10
CA ARG H 108 -1.98 11.25 26.62
C ARG H 108 -0.76 10.43 26.21
N ASN H 109 -0.80 9.87 24.99
CA ASN H 109 0.40 9.32 24.34
C ASN H 109 0.31 9.52 22.82
N ALA H 110 1.22 10.36 22.28
CA ALA H 110 1.23 10.66 20.84
C ALA H 110 2.20 9.76 20.05
N HIS H 111 2.83 8.79 20.73
CA HIS H 111 3.76 7.87 20.09
C HIS H 111 4.82 8.62 19.26
N SER H 112 5.41 9.62 19.91
CA SER H 112 6.35 10.52 19.25
CA SER H 112 6.31 10.59 19.26
C SER H 112 7.30 11.15 20.26
N ALA H 113 8.40 11.71 19.76
CA ALA H 113 9.41 12.38 20.62
C ALA H 113 10.06 13.51 19.83
N THR H 114 10.31 14.61 20.54
CA THR H 114 11.05 15.74 19.95
C THR H 114 12.41 15.89 20.64
N THR H 115 13.46 16.13 19.84
CA THR H 115 14.74 16.57 20.37
C THR H 115 15.02 18.01 19.90
N TRP H 116 15.52 18.83 20.83
CA TRP H 116 15.97 20.19 20.56
C TRP H 116 17.50 20.24 20.73
N SER H 117 18.19 20.78 19.71
CA SER H 117 19.66 20.95 19.73
C SER H 117 19.97 22.42 19.49
N GLY H 118 20.79 23.03 20.34
CA GLY H 118 21.02 24.44 20.21
C GLY H 118 22.08 25.01 21.11
N GLN H 119 21.98 26.33 21.35
CA GLN H 119 22.92 26.98 22.26
C GLN H 119 22.24 28.05 23.10
N TYR H 120 22.70 28.19 24.34
CA TYR H 120 22.33 29.29 25.22
C TYR H 120 23.24 30.48 24.97
N VAL H 121 22.62 31.66 24.84
CA VAL H 121 23.33 32.93 24.63
C VAL H 121 22.96 33.83 25.82
N GLY H 122 23.97 34.26 26.57
CA GLY H 122 23.77 35.15 27.73
C GLY H 122 23.52 36.63 27.42
N GLY H 123 23.53 37.44 28.47
CA GLY H 123 23.35 38.90 28.38
C GLY H 123 21.98 39.39 28.84
N ALA H 124 21.73 40.68 28.69
CA ALA H 124 20.44 41.28 29.11
C ALA H 124 19.23 40.71 28.37
N GLU H 125 19.45 40.25 27.13
CA GLU H 125 18.42 39.60 26.32
C GLU H 125 18.79 38.11 26.11
N ALA H 126 18.85 37.34 27.19
CA ALA H 126 19.25 35.94 27.12
C ALA H 126 18.29 35.10 26.28
N ARG H 127 18.84 34.13 25.54
CA ARG H 127 18.06 33.27 24.65
C ARG H 127 18.61 31.84 24.65
N ILE H 128 17.74 30.88 24.38
CA ILE H 128 18.15 29.55 23.93
C ILE H 128 17.62 29.38 22.50
N ASN H 129 18.57 29.31 21.55
CA ASN H 129 18.25 29.20 20.10
C ASN H 129 18.41 27.75 19.68
N THR H 130 17.35 27.17 19.12
CA THR H 130 17.32 25.72 18.83
C THR H 130 16.78 25.40 17.44
N GLN H 131 17.18 24.21 16.97
CA GLN H 131 16.49 23.49 15.89
C GLN H 131 16.00 22.17 16.51
N TRP H 132 14.91 21.65 15.95
CA TRP H 132 14.28 20.46 16.52
C TRP H 132 13.89 19.42 15.47
N LEU H 133 13.83 18.16 15.94
CA LEU H 133 13.36 17.02 15.17
C LEU H 133 12.26 16.30 15.95
N LEU H 134 11.08 16.15 15.32
CA LEU H 134 9.92 15.45 15.92
C LEU H 134 9.70 14.17 15.14
N THR H 135 10.03 13.04 15.76
CA THR H 135 9.84 11.73 15.11
C THR H 135 8.64 11.01 15.75
N SER H 136 7.76 10.51 14.89
CA SER H 136 6.64 9.65 15.29
C SER H 136 6.97 8.20 14.92
N GLY H 137 6.53 7.24 15.74
CA GLY H 137 6.66 5.84 15.37
C GLY H 137 5.82 5.52 14.14
N THR H 138 6.40 4.82 13.17
CA THR H 138 5.72 4.48 11.90
C THR H 138 6.03 3.05 11.51
N THR H 139 5.27 2.52 10.54
CA THR H 139 5.68 1.29 9.86
C THR H 139 6.90 1.61 8.98
N GLU H 140 7.66 0.60 8.55
CA GLU H 140 8.82 0.79 7.66
C GLU H 140 8.43 1.44 6.31
N ALA H 141 7.28 1.06 5.76
CA ALA H 141 6.75 1.63 4.51
C ALA H 141 6.49 3.15 4.63
N ASN H 142 6.13 3.61 5.83
CA ASN H 142 5.84 5.04 6.06
C ASN H 142 6.95 5.80 6.77
N ALA H 143 8.12 5.20 6.90
CA ALA H 143 9.22 5.82 7.64
C ALA H 143 9.73 7.09 6.96
N TRP H 144 9.60 7.19 5.64
CA TRP H 144 10.02 8.38 4.92
C TRP H 144 9.33 9.65 5.47
N LYS H 145 8.11 9.52 6.02
CA LYS H 145 7.35 10.65 6.58
C LYS H 145 7.28 10.66 8.13
N SER H 146 8.24 10.05 8.79
CA SER H 146 8.28 9.98 10.27
C SER H 146 8.74 11.24 10.99
N THR H 147 9.50 12.13 10.34
CA THR H 147 10.23 13.18 11.03
C THR H 147 9.94 14.58 10.48
N LEU H 148 9.39 15.47 11.35
CA LEU H 148 9.26 16.89 11.11
C LEU H 148 10.47 17.65 11.66
N VAL H 149 10.85 18.74 10.95
CA VAL H 149 11.93 19.63 11.40
C VAL H 149 11.40 21.04 11.61
N GLY H 150 12.02 21.74 12.56
CA GLY H 150 11.67 23.14 12.78
C GLY H 150 12.66 23.83 13.67
N HIS H 151 12.28 25.02 14.15
CA HIS H 151 13.16 25.82 15.01
C HIS H 151 12.33 26.49 16.11
N ASP H 152 12.98 26.75 17.24
CA ASP H 152 12.36 27.47 18.37
C ASP H 152 13.38 28.39 18.99
N THR H 153 12.93 29.59 19.36
CA THR H 153 13.73 30.52 20.15
C THR H 153 13.00 30.71 21.50
N PHE H 154 13.75 30.46 22.57
CA PHE H 154 13.22 30.59 23.93
C PHE H 154 13.80 31.83 24.61
N THR H 155 12.93 32.53 25.35
CA THR H 155 13.25 33.78 26.08
C THR H 155 12.86 33.60 27.56
N LYS H 156 13.49 34.38 28.45
CA LYS H 156 13.11 34.43 29.89
C LYS H 156 11.85 35.25 30.19
N VAL H 157 11.36 35.99 29.20
CA VAL H 157 10.14 36.82 29.24
C VAL H 157 9.13 36.25 28.23
N LYS H 158 7.83 36.33 28.54
CA LYS H 158 6.78 35.85 27.60
C LYS H 158 6.56 36.86 26.45
N PRO H 159 6.24 36.38 25.23
CA PRO H 159 6.07 37.34 24.11
C PRO H 159 4.71 38.03 24.14
N GLY I 1 -35.13 -23.24 12.80
CA GLY I 1 -33.95 -23.68 12.01
C GLY I 1 -33.84 -22.95 10.67
N ASN I 2 -32.90 -23.38 9.83
CA ASN I 2 -32.74 -22.82 8.48
C ASN I 2 -32.17 -23.88 7.54
N SER I 3 -32.30 -23.62 6.24
CA SER I 3 -31.90 -24.59 5.22
C SER I 3 -30.43 -25.01 5.32
N PHE I 4 -29.53 -24.04 5.51
CA PHE I 4 -28.09 -24.35 5.51
C PHE I 4 -27.73 -25.21 6.73
N ASP I 5 -28.24 -24.83 7.91
CA ASP I 5 -27.98 -25.63 9.11
C ASP I 5 -28.62 -27.01 9.01
N ASP I 6 -29.81 -27.10 8.40
CA ASP I 6 -30.48 -28.42 8.18
C ASP I 6 -29.59 -29.32 7.32
N TRP I 7 -28.95 -28.75 6.28
CA TRP I 7 -28.07 -29.52 5.39
C TRP I 7 -26.90 -30.06 6.21
N LEU I 8 -26.26 -29.19 7.00
CA LEU I 8 -25.18 -29.66 7.89
C LEU I 8 -25.66 -30.79 8.84
N ALA I 9 -26.80 -30.58 9.51
CA ALA I 9 -27.37 -31.63 10.41
C ALA I 9 -27.57 -32.97 9.69
N SER I 10 -28.02 -32.91 8.43
CA SER I 10 -28.33 -34.15 7.65
C SER I 10 -27.10 -35.00 7.38
N LYS I 11 -25.93 -34.37 7.37
CA LYS I 11 -24.66 -35.08 7.14
C LYS I 11 -24.14 -35.83 8.36
N GLY I 12 -24.68 -35.51 9.54
CA GLY I 12 -24.30 -36.18 10.77
C GLY I 12 -22.88 -35.89 11.16
N NH2 I 13 -22.28 -36.36 13.11
N GLY J 1 -5.73 27.43 24.05
CA GLY J 1 -4.91 26.33 23.46
C GLY J 1 -4.12 26.79 22.24
N ASN J 2 -3.49 25.83 21.57
CA ASN J 2 -2.69 26.13 20.37
C ASN J 2 -2.64 24.91 19.44
N SER J 3 -2.14 25.10 18.22
CA SER J 3 -2.16 24.05 17.18
C SER J 3 -1.43 22.77 17.54
N PHE J 4 -0.20 22.90 18.03
CA PHE J 4 0.59 21.74 18.42
C PHE J 4 -0.08 20.99 19.57
N ASP J 5 -0.51 21.72 20.59
CA ASP J 5 -1.18 21.03 21.71
C ASP J 5 -2.50 20.35 21.30
N ASP J 6 -3.24 20.98 20.41
CA ASP J 6 -4.46 20.36 19.86
C ASP J 6 -4.14 19.06 19.11
N TRP J 7 -3.05 19.06 18.34
CA TRP J 7 -2.60 17.84 17.66
C TRP J 7 -2.30 16.75 18.70
N LEU J 8 -1.51 17.08 19.72
CA LEU J 8 -1.24 16.12 20.81
C LEU J 8 -2.54 15.55 21.41
N ALA J 9 -3.49 16.41 21.79
CA ALA J 9 -4.77 15.94 22.38
C ALA J 9 -5.53 15.00 21.43
N SER J 10 -5.54 15.32 20.13
CA SER J 10 -6.29 14.50 19.18
C SER J 10 -5.77 13.06 19.02
N LYS J 11 -4.51 12.83 19.37
CA LYS J 11 -3.91 11.49 19.32
C LYS J 11 -4.36 10.59 20.47
N GLY J 12 -4.93 11.18 21.53
CA GLY J 12 -5.44 10.42 22.64
C GLY J 12 -4.33 9.84 23.49
N NH2 J 13 -4.56 8.47 24.48
N GLY K 40 13.48 -4.22 24.64
CA GLY K 40 14.32 -4.37 23.41
C GLY K 40 15.41 -3.32 23.26
N ILE K 41 15.13 -2.11 23.73
CA ILE K 41 16.06 -0.96 23.62
C ILE K 41 17.30 -1.13 24.50
N THR K 42 17.12 -1.62 25.73
CA THR K 42 18.25 -1.82 26.63
C THR K 42 19.29 -2.74 25.98
N GLY K 43 20.55 -2.28 25.96
CA GLY K 43 21.66 -3.04 25.40
C GLY K 43 22.79 -2.19 24.83
N THR K 44 23.66 -2.83 24.07
CA THR K 44 24.82 -2.20 23.45
C THR K 44 24.60 -2.15 21.94
N TRP K 45 24.76 -0.94 21.39
CA TRP K 45 24.49 -0.61 20.00
C TRP K 45 25.74 -0.05 19.35
N TYR K 46 25.85 -0.23 18.03
CA TYR K 46 26.98 0.27 17.21
C TYR K 46 26.38 0.92 15.99
N ASN K 47 26.93 2.06 15.59
CA ASN K 47 26.56 2.70 14.33
C ASN K 47 27.51 2.21 13.23
N GLN K 48 27.43 2.79 12.04
CA GLN K 48 28.27 2.37 10.92
C GLN K 48 29.66 3.01 10.87
N LEU K 49 29.91 4.03 11.69
CA LEU K 49 31.11 4.88 11.58
C LEU K 49 32.08 4.83 12.78
N GLY K 50 32.08 3.72 13.52
CA GLY K 50 33.05 3.50 14.61
C GLY K 50 32.63 3.90 16.02
N SER K 51 31.39 4.34 16.22
CA SER K 51 30.89 4.71 17.53
CA SER K 51 30.92 4.71 17.55
C SER K 51 30.06 3.58 18.13
N THR K 52 29.88 3.63 19.45
CA THR K 52 29.07 2.65 20.18
C THR K 52 28.40 3.31 21.39
N PHE K 53 27.27 2.75 21.82
CA PHE K 53 26.68 3.18 23.07
C PHE K 53 25.99 2.07 23.83
N ILE K 54 25.94 2.26 25.14
CA ILE K 54 25.29 1.35 26.07
C ILE K 54 24.16 2.13 26.70
N VAL K 55 22.95 1.59 26.64
CA VAL K 55 21.74 2.29 27.09
C VAL K 55 20.88 1.39 27.99
N THR K 56 20.24 2.01 28.97
CA THR K 56 19.25 1.37 29.81
C THR K 56 17.93 2.11 29.63
N ALA K 57 16.89 1.38 29.22
CA ALA K 57 15.54 1.93 29.08
C ALA K 57 14.74 1.63 30.37
N GLY K 58 14.47 2.68 31.14
CA GLY K 58 13.73 2.57 32.38
C GLY K 58 12.24 2.36 32.17
N ALA K 59 11.61 1.75 33.18
CA ALA K 59 10.17 1.48 33.15
C ALA K 59 9.31 2.73 32.98
N ASP K 60 9.84 3.86 33.45
CA ASP K 60 9.20 5.17 33.41
C ASP K 60 9.40 5.99 32.10
N GLY K 61 10.13 5.46 31.11
CA GLY K 61 10.45 6.26 29.90
C GLY K 61 11.83 6.89 29.84
N ALA K 62 12.68 6.65 30.84
CA ALA K 62 14.03 7.23 30.85
C ALA K 62 15.02 6.42 30.03
N LEU K 63 15.88 7.11 29.26
CA LEU K 63 17.10 6.53 28.67
C LEU K 63 18.32 7.06 29.40
N THR K 64 19.18 6.17 29.89
CA THR K 64 20.44 6.54 30.54
C THR K 64 21.55 5.67 30.00
N GLY K 65 22.78 6.17 30.01
CA GLY K 65 23.88 5.37 29.52
C GLY K 65 25.13 6.13 29.20
N THR K 66 25.97 5.50 28.37
CA THR K 66 27.26 6.05 27.96
CA THR K 66 27.27 6.02 27.98
C THR K 66 27.46 5.87 26.48
N TYR K 67 27.99 6.91 25.83
CA TYR K 67 28.28 6.90 24.38
C TYR K 67 29.79 6.99 24.14
N GLU K 68 30.36 6.04 23.38
CA GLU K 68 31.79 6.09 22.97
C GLU K 68 31.94 6.47 21.51
N SER K 69 32.67 7.55 21.22
CA SER K 69 32.95 7.94 19.84
C SER K 69 34.00 7.03 19.16
N ALA K 70 34.82 6.34 19.95
CA ALA K 70 35.75 5.33 19.43
C ALA K 70 35.68 4.11 20.32
N VAL K 71 35.46 2.94 19.73
CA VAL K 71 35.14 1.71 20.48
C VAL K 71 36.33 1.34 21.38
N GLY K 72 36.07 1.20 22.67
CA GLY K 72 37.07 0.84 23.67
C GLY K 72 37.89 1.95 24.30
N ASN K 73 37.74 3.19 23.81
CA ASN K 73 38.58 4.29 24.27
C ASN K 73 37.89 4.98 25.44
N ALA K 74 38.44 4.76 26.64
CA ALA K 74 37.88 5.35 27.87
C ALA K 74 37.79 6.88 27.84
N GLU K 75 38.78 7.52 27.20
CA GLU K 75 38.77 8.97 26.98
C GLU K 75 37.68 9.48 26.01
N SER K 76 37.05 8.56 25.28
CA SER K 76 35.95 8.89 24.35
C SER K 76 34.56 8.56 24.91
N ARG K 77 34.44 8.30 26.23
CA ARG K 77 33.14 7.97 26.85
C ARG K 77 32.48 9.25 27.34
N TYR K 78 31.21 9.43 26.98
CA TYR K 78 30.42 10.59 27.42
C TYR K 78 29.07 10.14 27.93
N VAL K 79 28.49 10.93 28.82
CA VAL K 79 27.14 10.66 29.39
C VAL K 79 26.07 10.84 28.32
N LEU K 80 25.10 9.93 28.25
CA LEU K 80 23.90 10.17 27.44
C LEU K 80 22.65 10.09 28.29
N THR K 81 21.69 10.99 28.02
CA THR K 81 20.37 10.95 28.66
C THR K 81 19.30 11.27 27.62
N GLY K 82 18.16 10.61 27.75
CA GLY K 82 17.02 10.87 26.90
C GLY K 82 15.72 10.26 27.35
N ARG K 83 14.79 10.10 26.42
CA ARG K 83 13.44 9.63 26.71
C ARG K 83 12.97 8.72 25.60
N TYR K 84 12.04 7.80 25.94
CA TYR K 84 11.41 6.92 24.94
C TYR K 84 9.95 6.70 25.28
N ASP K 85 9.17 6.33 24.27
CA ASP K 85 7.77 5.91 24.46
C ASP K 85 7.71 4.52 25.11
N SER K 86 7.37 4.50 26.40
CA SER K 86 7.28 3.26 27.20
C SER K 86 6.00 2.43 26.97
N ALA K 87 5.09 2.92 26.12
CA ALA K 87 3.89 2.15 25.73
C ALA K 87 3.61 2.34 24.24
N PRO K 88 4.44 1.75 23.36
CA PRO K 88 4.27 1.97 21.93
C PRO K 88 2.97 1.39 21.35
N ALA K 89 2.60 1.80 20.15
CA ALA K 89 1.43 1.22 19.45
C ALA K 89 1.68 -0.25 19.08
N THR K 90 0.62 -1.01 18.81
CA THR K 90 0.77 -2.45 18.44
C THR K 90 0.43 -2.78 16.97
N ASP K 91 0.36 -1.76 16.12
CA ASP K 91 0.06 -1.91 14.68
C ASP K 91 1.29 -2.14 13.77
N GLY K 92 2.43 -2.52 14.35
CA GLY K 92 3.68 -2.71 13.61
C GLY K 92 4.58 -1.48 13.56
N SER K 93 4.14 -0.38 14.19
CA SER K 93 4.92 0.86 14.23
C SER K 93 6.13 0.72 15.14
N GLY K 94 7.17 1.48 14.84
CA GLY K 94 8.33 1.59 15.72
C GLY K 94 8.06 2.38 17.00
N THR K 95 9.05 2.37 17.87
CA THR K 95 8.98 3.03 19.18
C THR K 95 9.77 4.34 19.12
N ALA K 96 9.08 5.47 19.23
CA ALA K 96 9.74 6.80 19.22
C ALA K 96 10.67 7.03 20.43
N LEU K 97 11.80 7.68 20.17
CA LEU K 97 12.82 7.93 21.18
C LEU K 97 13.72 9.10 20.78
N GLY K 98 14.44 9.64 21.75
CA GLY K 98 15.50 10.60 21.48
C GLY K 98 16.49 10.64 22.60
N TRP K 99 17.70 11.11 22.33
CA TRP K 99 18.69 11.31 23.39
C TRP K 99 19.71 12.39 23.02
N THR K 100 20.43 12.86 24.03
CA THR K 100 21.43 13.92 23.90
C THR K 100 22.77 13.44 24.47
N VAL K 101 23.86 13.80 23.77
CA VAL K 101 25.22 13.77 24.35
C VAL K 101 25.82 15.19 24.26
N ALA K 102 26.25 15.76 25.39
CA ALA K 102 27.13 16.95 25.37
C ALA K 102 28.56 16.45 25.33
N TRP K 103 29.38 16.98 24.40
CA TRP K 103 30.71 16.41 24.10
C TRP K 103 31.78 16.95 25.05
N LYS K 104 31.50 16.84 26.36
CA LYS K 104 32.42 17.18 27.46
C LYS K 104 32.53 15.95 28.34
N ASN K 105 33.76 15.55 28.67
CA ASN K 105 34.04 14.53 29.68
C ASN K 105 35.27 14.99 30.50
N ASN K 106 35.84 14.12 31.33
CA ASN K 106 36.96 14.54 32.18
C ASN K 106 38.29 14.71 31.41
N TYR K 107 38.33 14.31 30.14
CA TYR K 107 39.53 14.42 29.28
C TYR K 107 39.44 15.44 28.14
N ARG K 108 38.21 15.73 27.67
CA ARG K 108 37.99 16.56 26.47
C ARG K 108 36.76 17.45 26.63
N ASN K 109 36.73 18.56 25.89
CA ASN K 109 35.53 19.38 25.71
C ASN K 109 35.49 20.02 24.32
N ALA K 110 34.56 19.57 23.47
CA ALA K 110 34.41 20.11 22.13
C ALA K 110 33.39 21.25 22.06
N HIS K 111 32.81 21.65 23.21
CA HIS K 111 31.87 22.76 23.26
C HIS K 111 30.75 22.57 22.23
N SER K 112 30.11 21.41 22.30
CA SER K 112 29.15 20.96 21.29
C SER K 112 28.20 19.92 21.91
N ALA K 113 27.06 19.73 21.27
CA ALA K 113 26.10 18.68 21.72
C ALA K 113 25.37 18.09 20.53
N THR K 114 25.16 16.76 20.53
CA THR K 114 24.35 16.10 19.51
C THR K 114 23.05 15.57 20.11
N THR K 115 21.97 15.77 19.37
CA THR K 115 20.70 15.06 19.66
C THR K 115 20.35 14.12 18.54
N TRP K 116 19.91 12.91 18.92
CA TRP K 116 19.40 11.92 17.99
C TRP K 116 17.91 11.78 18.21
N SER K 117 17.11 11.88 17.16
CA SER K 117 15.65 11.69 17.18
C SER K 117 15.31 10.54 16.24
N GLY K 118 14.57 9.54 16.70
CA GLY K 118 14.32 8.38 15.85
C GLY K 118 13.34 7.37 16.38
N GLN K 119 13.44 6.14 15.87
CA GLN K 119 12.62 5.03 16.35
C GLN K 119 13.36 3.71 16.38
N TYR K 120 13.00 2.91 17.39
CA TYR K 120 13.44 1.53 17.52
C TYR K 120 12.47 0.63 16.76
N VAL K 121 13.05 -0.27 15.95
CA VAL K 121 12.30 -1.23 15.14
C VAL K 121 12.72 -2.62 15.59
N GLY K 122 11.77 -3.39 16.10
CA GLY K 122 12.05 -4.73 16.64
C GLY K 122 12.11 -5.82 15.59
N GLY K 123 12.00 -7.07 16.05
CA GLY K 123 12.02 -8.24 15.18
C GLY K 123 13.40 -8.87 15.07
N ALA K 124 13.58 -9.72 14.07
CA ALA K 124 14.80 -10.53 13.90
C ALA K 124 16.10 -9.71 13.84
N GLU K 125 16.03 -8.57 13.15
CA GLU K 125 17.20 -7.72 12.92
C GLU K 125 16.91 -6.33 13.50
N ALA K 126 16.85 -6.24 14.83
CA ALA K 126 16.47 -4.99 15.53
C ALA K 126 17.41 -3.82 15.21
N ARG K 127 16.84 -2.62 15.07
CA ARG K 127 17.60 -1.43 14.68
C ARG K 127 17.04 -0.20 15.36
N ILE K 128 17.91 0.80 15.58
CA ILE K 128 17.45 2.15 15.94
C ILE K 128 17.81 3.06 14.77
N ASN K 129 16.79 3.63 14.13
CA ASN K 129 17.00 4.52 12.97
C ASN K 129 16.82 5.95 13.42
N THR K 130 17.82 6.80 13.16
CA THR K 130 17.86 8.18 13.69
C THR K 130 18.27 9.22 12.66
N GLN K 131 17.82 10.45 12.91
CA GLN K 131 18.40 11.64 12.31
CA GLN K 131 18.34 11.68 12.32
C GLN K 131 18.96 12.45 13.47
N TRP K 132 20.02 13.21 13.25
CA TRP K 132 20.70 13.92 14.30
C TRP K 132 21.04 15.36 13.95
N LEU K 133 21.20 16.18 15.00
CA LEU K 133 21.60 17.60 14.93
C LEU K 133 22.76 17.79 15.89
N LEU K 134 23.91 18.22 15.35
CA LEU K 134 25.10 18.54 16.14
C LEU K 134 25.32 20.04 16.17
N THR K 135 25.05 20.66 17.31
CA THR K 135 25.23 22.10 17.48
C THR K 135 26.53 22.41 18.24
N SER K 136 27.35 23.31 17.68
CA SER K 136 28.55 23.83 18.36
CA SER K 136 28.54 23.82 18.39
C SER K 136 28.26 25.23 18.90
N GLY K 137 28.81 25.55 20.07
CA GLY K 137 28.78 26.94 20.52
C GLY K 137 29.52 27.84 19.53
N THR K 138 28.87 28.94 19.14
CA THR K 138 29.47 29.94 18.23
C THR K 138 29.23 31.35 18.77
N THR K 139 29.96 32.33 18.22
CA THR K 139 29.58 33.72 18.42
C THR K 139 28.30 34.02 17.64
N GLU K 140 27.64 35.14 17.94
CA GLU K 140 26.33 35.42 17.34
C GLU K 140 26.39 35.57 15.81
N ALA K 141 27.42 36.22 15.27
CA ALA K 141 27.55 36.37 13.82
C ALA K 141 27.78 35.04 13.07
N ASN K 142 28.28 34.02 13.78
CA ASN K 142 28.54 32.70 13.23
C ASN K 142 27.46 31.64 13.53
N ALA K 143 26.33 32.07 14.07
CA ALA K 143 25.26 31.13 14.43
C ALA K 143 24.72 30.39 13.21
N TRP K 144 24.73 31.01 12.03
CA TRP K 144 24.25 30.34 10.81
C TRP K 144 24.98 29.02 10.53
N LYS K 145 26.24 28.88 10.98
CA LYS K 145 27.09 27.70 10.72
C LYS K 145 27.26 26.81 11.98
N SER K 146 26.39 26.98 12.96
CA SER K 146 26.50 26.23 14.23
C SER K 146 26.06 24.77 14.19
N THR K 147 25.23 24.39 13.22
CA THR K 147 24.53 23.10 13.29
C THR K 147 24.71 22.20 12.08
N LEU K 148 25.30 21.03 12.33
CA LEU K 148 25.40 19.94 11.32
C LEU K 148 24.21 18.98 11.44
N VAL K 149 23.75 18.42 10.32
CA VAL K 149 22.65 17.43 10.30
C VAL K 149 23.14 16.15 9.62
N GLY K 150 22.67 15.01 10.09
CA GLY K 150 22.97 13.74 9.45
C GLY K 150 22.02 12.65 9.88
N HIS K 151 22.38 11.41 9.59
CA HIS K 151 21.58 10.24 9.99
C HIS K 151 22.48 9.09 10.43
N ASP K 152 22.01 8.28 11.38
CA ASP K 152 22.75 7.08 11.90
C ASP K 152 21.76 5.94 12.03
N THR K 153 22.17 4.74 11.62
CA THR K 153 21.45 3.53 11.96
C THR K 153 22.28 2.68 12.92
N PHE K 154 21.66 2.21 13.99
CA PHE K 154 22.34 1.43 15.03
C PHE K 154 21.84 0.01 15.02
N THR K 155 22.77 -0.94 15.21
CA THR K 155 22.45 -2.36 15.39
CA THR K 155 22.47 -2.37 15.35
C THR K 155 23.21 -2.90 16.58
N LYS K 156 22.75 -4.04 17.11
CA LYS K 156 23.46 -4.72 18.21
C LYS K 156 24.64 -5.60 17.73
N VAL K 157 24.87 -5.69 16.42
CA VAL K 157 26.01 -6.41 15.83
C VAL K 157 27.11 -5.40 15.46
N LYS K 158 28.38 -5.68 15.79
CA LYS K 158 29.51 -4.78 15.43
C LYS K 158 29.51 -4.36 13.94
N ASN L 2 38.92 7.02 13.40
CA ASN L 2 37.76 7.56 12.60
C ASN L 2 37.66 9.09 12.64
N SER L 3 37.03 9.65 11.60
CA SER L 3 36.98 11.09 11.38
C SER L 3 36.28 11.87 12.50
N PHE L 4 35.14 11.36 12.99
CA PHE L 4 34.40 12.02 14.08
C PHE L 4 35.19 12.06 15.39
N ASP L 5 35.72 10.92 15.83
CA ASP L 5 36.51 10.89 17.06
C ASP L 5 37.76 11.76 16.92
N ASP L 6 38.41 11.71 15.76
CA ASP L 6 39.56 12.60 15.47
C ASP L 6 39.21 14.07 15.63
N TRP L 7 38.02 14.46 15.14
CA TRP L 7 37.52 15.83 15.27
C TRP L 7 37.37 16.21 16.74
N LEU L 8 36.76 15.32 17.55
CA LEU L 8 36.61 15.57 18.99
C LEU L 8 37.99 15.67 19.66
N ALA L 9 38.84 14.66 19.44
CA ALA L 9 40.21 14.65 19.99
C ALA L 9 40.96 15.95 19.70
N SER L 10 40.88 16.41 18.46
CA SER L 10 41.61 17.61 18.00
C SER L 10 41.21 18.91 18.75
N LYS L 11 39.99 18.98 19.26
CA LYS L 11 39.56 20.10 20.10
C LYS L 11 40.20 20.14 21.49
N GLY L 12 40.72 19.00 21.96
CA GLY L 12 41.30 18.93 23.30
C GLY L 12 40.24 19.18 24.37
N NH2 L 13 41.47 18.89 26.63
N GLU M 38 34.23 14.79 -17.61
CA GLU M 38 32.93 14.05 -17.44
C GLU M 38 32.40 14.11 -16.01
N ALA M 39 31.35 14.88 -15.79
CA ALA M 39 30.75 15.08 -14.46
C ALA M 39 30.12 13.80 -13.89
N GLY M 40 29.64 12.92 -14.78
CA GLY M 40 29.04 11.63 -14.40
C GLY M 40 27.61 11.66 -13.88
N ILE M 41 26.97 12.83 -13.99
CA ILE M 41 25.64 13.08 -13.39
C ILE M 41 24.48 12.84 -14.37
N THR M 42 24.66 13.20 -15.64
CA THR M 42 23.58 13.07 -16.62
C THR M 42 23.17 11.61 -16.73
N GLY M 43 21.87 11.39 -16.66
CA GLY M 43 21.30 10.07 -16.81
C GLY M 43 20.16 9.81 -15.84
N THR M 44 19.81 8.53 -15.72
CA THR M 44 18.69 8.08 -14.90
C THR M 44 19.22 7.54 -13.60
N TRP M 45 18.57 7.95 -12.50
CA TRP M 45 18.91 7.50 -11.16
C TRP M 45 17.66 7.00 -10.40
N TYR M 46 17.89 6.09 -9.48
CA TYR M 46 16.81 5.42 -8.73
C TYR M 46 17.03 5.52 -7.21
N ASN M 47 15.96 5.70 -6.43
CA ASN M 47 16.02 5.58 -4.95
C ASN M 47 15.14 4.45 -4.37
N GLN M 48 15.30 4.21 -3.06
CA GLN M 48 14.56 3.11 -2.37
C GLN M 48 13.06 3.35 -2.18
N LEU M 49 12.59 4.59 -2.33
CA LEU M 49 11.14 4.86 -2.23
C LEU M 49 10.37 4.46 -3.50
N GLY M 50 11.09 4.05 -4.57
CA GLY M 50 10.49 3.71 -5.87
C GLY M 50 10.41 4.88 -6.83
N SER M 51 11.17 5.95 -6.55
CA SER M 51 11.22 7.13 -7.42
CA SER M 51 11.22 7.10 -7.44
C SER M 51 12.40 6.99 -8.41
N THR M 52 12.29 7.73 -9.51
CA THR M 52 13.29 7.88 -10.56
C THR M 52 13.58 9.37 -10.82
N PHE M 53 14.88 9.72 -10.97
CA PHE M 53 15.43 11.12 -11.14
C PHE M 53 16.08 11.09 -12.53
N ILE M 54 15.48 11.84 -13.46
CA ILE M 54 15.85 11.77 -14.85
C ILE M 54 16.51 13.13 -15.18
N VAL M 55 17.85 13.22 -15.21
CA VAL M 55 18.55 14.53 -15.17
C VAL M 55 19.57 14.76 -16.31
N THR M 56 19.67 16.02 -16.74
CA THR M 56 20.79 16.48 -17.59
C THR M 56 21.60 17.52 -16.85
N ALA M 57 22.92 17.27 -16.75
CA ALA M 57 23.87 18.21 -16.14
C ALA M 57 24.48 19.06 -17.25
N GLY M 58 23.98 20.29 -17.37
CA GLY M 58 24.43 21.22 -18.40
C GLY M 58 25.84 21.74 -18.17
N ALA M 59 26.49 22.14 -19.27
CA ALA M 59 27.85 22.67 -19.21
C ALA M 59 28.03 23.86 -18.24
N ASP M 60 26.98 24.66 -18.08
CA ASP M 60 26.99 25.88 -17.27
C ASP M 60 26.62 25.68 -15.79
N GLY M 61 26.53 24.44 -15.32
CA GLY M 61 26.10 24.12 -13.94
C GLY M 61 24.61 23.87 -13.70
N ALA M 62 23.80 23.88 -14.76
CA ALA M 62 22.34 23.64 -14.62
C ALA M 62 21.98 22.15 -14.48
N LEU M 63 20.99 21.87 -13.64
CA LEU M 63 20.33 20.55 -13.61
C LEU M 63 18.89 20.77 -14.12
N THR M 64 18.47 19.96 -15.09
CA THR M 64 17.12 20.02 -15.67
C THR M 64 16.64 18.58 -15.85
N GLY M 65 15.33 18.35 -15.86
CA GLY M 65 14.82 17.01 -16.10
C GLY M 65 13.44 16.76 -15.53
N THR M 66 13.17 15.49 -15.25
CA THR M 66 11.88 15.08 -14.72
CA THR M 66 11.87 15.00 -14.81
C THR M 66 12.07 14.09 -13.60
N TYR M 67 11.17 14.16 -12.62
CA TYR M 67 11.15 13.30 -11.45
C TYR M 67 9.87 12.49 -11.48
N GLU M 68 10.00 11.18 -11.33
CA GLU M 68 8.85 10.26 -11.30
C GLU M 68 8.69 9.62 -9.93
N SER M 69 7.57 9.88 -9.25
CA SER M 69 7.31 9.28 -7.93
C SER M 69 6.81 7.83 -7.98
N ALA M 70 6.40 7.39 -9.16
CA ALA M 70 6.02 6.00 -9.42
C ALA M 70 6.19 5.70 -10.90
N VAL M 71 6.39 4.43 -11.24
CA VAL M 71 6.59 3.99 -12.63
C VAL M 71 5.25 3.92 -13.36
N GLY M 72 5.25 4.38 -14.61
CA GLY M 72 4.16 4.08 -15.55
C GLY M 72 2.86 4.84 -15.40
N ASN M 73 2.90 6.01 -14.76
CA ASN M 73 1.74 6.92 -14.78
C ASN M 73 2.19 8.34 -15.03
N ALA M 74 1.58 8.97 -16.03
CA ALA M 74 1.79 10.38 -16.35
C ALA M 74 1.47 11.30 -15.17
N GLU M 75 0.55 10.86 -14.32
CA GLU M 75 0.15 11.60 -13.11
C GLU M 75 1.28 11.71 -12.09
N SER M 76 2.28 10.83 -12.18
CA SER M 76 3.40 10.80 -11.23
C SER M 76 4.71 11.42 -11.76
N ARG M 77 4.64 12.17 -12.88
CA ARG M 77 5.81 12.80 -13.49
C ARG M 77 5.80 14.32 -13.25
N TYR M 78 6.92 14.85 -12.76
CA TYR M 78 7.02 16.26 -12.37
C TYR M 78 8.32 16.89 -12.91
N VAL M 79 8.30 18.20 -13.13
CA VAL M 79 9.48 18.95 -13.55
C VAL M 79 10.48 19.11 -12.41
N LEU M 80 11.77 18.99 -12.67
CA LEU M 80 12.79 19.40 -11.71
C LEU M 80 13.75 20.42 -12.27
N THR M 81 14.31 21.24 -11.38
CA THR M 81 15.38 22.13 -11.75
CA THR M 81 15.43 22.15 -11.75
C THR M 81 16.37 22.29 -10.58
N GLY M 82 17.65 22.44 -10.87
CA GLY M 82 18.67 22.65 -9.84
C GLY M 82 20.00 23.14 -10.39
N ARG M 83 21.01 23.03 -9.53
CA ARG M 83 22.40 23.47 -9.88
C ARG M 83 23.45 22.48 -9.33
N TYR M 84 24.62 22.40 -9.97
CA TYR M 84 25.70 21.57 -9.44
C TYR M 84 27.00 22.32 -9.67
N ASP M 85 28.01 21.96 -8.89
CA ASP M 85 29.38 22.49 -9.06
C ASP M 85 30.00 21.87 -10.35
N SER M 86 30.13 22.68 -11.40
CA SER M 86 30.69 22.20 -12.68
C SER M 86 32.22 22.19 -12.70
N ALA M 87 32.90 22.58 -11.63
CA ALA M 87 34.36 22.48 -11.49
C ALA M 87 34.74 21.96 -10.07
N PRO M 88 34.40 20.69 -9.80
CA PRO M 88 34.65 20.15 -8.46
C PRO M 88 36.12 19.95 -8.13
N ALA M 89 36.41 19.70 -6.84
CA ALA M 89 37.77 19.32 -6.44
C ALA M 89 38.20 17.98 -7.09
N THR M 90 39.51 17.80 -7.26
CA THR M 90 40.08 16.55 -7.79
C THR M 90 40.88 15.81 -6.70
N ASP M 91 40.62 16.17 -5.44
CA ASP M 91 41.31 15.59 -4.27
C ASP M 91 40.59 14.37 -3.67
N GLY M 92 39.58 13.84 -4.35
CA GLY M 92 38.80 12.70 -3.86
C GLY M 92 37.43 13.06 -3.28
N SER M 93 37.14 14.36 -3.14
CA SER M 93 35.86 14.85 -2.63
C SER M 93 34.73 14.69 -3.64
N GLY M 94 33.49 14.62 -3.14
CA GLY M 94 32.31 14.57 -4.00
C GLY M 94 32.00 15.90 -4.65
N THR M 95 30.98 15.89 -5.52
CA THR M 95 30.53 17.04 -6.27
C THR M 95 29.23 17.52 -5.65
N ALA M 96 29.26 18.73 -5.10
CA ALA M 96 28.04 19.31 -4.45
C ALA M 96 26.97 19.65 -5.49
N LEU M 97 25.70 19.41 -5.11
CA LEU M 97 24.57 19.68 -5.98
C LEU M 97 23.27 19.82 -5.17
N GLY M 98 22.27 20.38 -5.82
CA GLY M 98 20.93 20.41 -5.24
C GLY M 98 19.85 20.57 -6.31
N TRP M 99 18.61 20.15 -6.03
CA TRP M 99 17.51 20.40 -6.95
C TRP M 99 16.18 20.49 -6.19
N THR M 100 15.17 21.02 -6.90
CA THR M 100 13.81 21.18 -6.37
C THR M 100 12.79 20.53 -7.28
N VAL M 101 11.76 19.90 -6.68
CA VAL M 101 10.51 19.56 -7.37
C VAL M 101 9.35 20.20 -6.61
N ALA M 102 8.53 20.99 -7.32
CA ALA M 102 7.20 21.37 -6.79
C ALA M 102 6.20 20.33 -7.24
N TRP M 103 5.41 19.77 -6.32
CA TRP M 103 4.59 18.59 -6.59
C TRP M 103 3.25 18.98 -7.24
N LYS M 104 3.36 19.70 -8.35
CA LYS M 104 2.24 20.09 -9.22
C LYS M 104 2.55 19.67 -10.64
N ASN M 105 1.57 19.04 -11.30
CA ASN M 105 1.63 18.81 -12.75
C ASN M 105 0.22 19.03 -13.32
N ASN M 106 -0.03 18.61 -14.57
CA ASN M 106 -1.36 18.77 -15.19
C ASN M 106 -2.46 17.88 -14.59
N TYR M 107 -2.10 16.88 -13.78
CA TYR M 107 -3.06 15.95 -13.18
C TYR M 107 -3.29 16.15 -11.67
N ARG M 108 -2.27 16.63 -10.94
CA ARG M 108 -2.21 16.55 -9.46
C ARG M 108 -1.60 17.85 -8.93
N ASN M 109 -1.95 18.22 -7.70
CA ASN M 109 -1.24 19.27 -6.98
C ASN M 109 -1.30 18.99 -5.46
N ALA M 110 -0.14 18.70 -4.89
CA ALA M 110 0.00 18.45 -3.45
C ALA M 110 0.35 19.69 -2.63
N HIS M 111 0.43 20.87 -3.26
CA HIS M 111 0.73 22.13 -2.58
C HIS M 111 1.96 22.01 -1.68
N SER M 112 3.01 21.47 -2.29
CA SER M 112 4.25 21.11 -1.60
C SER M 112 5.45 21.14 -2.56
N ALA M 113 6.63 21.23 -1.96
CA ALA M 113 7.89 21.15 -2.72
C ALA M 113 8.97 20.45 -1.90
N THR M 114 9.77 19.63 -2.58
CA THR M 114 10.95 19.02 -1.97
C THR M 114 12.23 19.61 -2.57
N THR M 115 13.19 19.89 -1.70
CA THR M 115 14.58 20.15 -2.13
C THR M 115 15.49 19.02 -1.60
N TRP M 116 16.38 18.59 -2.49
CA TRP M 116 17.43 17.64 -2.16
C TRP M 116 18.78 18.39 -2.21
N SER M 117 19.58 18.28 -1.16
CA SER M 117 20.92 18.87 -1.09
C SER M 117 21.91 17.74 -0.86
N GLY M 118 22.96 17.64 -1.67
CA GLY M 118 23.81 16.50 -1.48
C GLY M 118 25.09 16.54 -2.31
N GLN M 119 25.68 15.36 -2.54
CA GLN M 119 26.89 15.26 -3.37
C GLN M 119 26.88 14.00 -4.19
N TYR M 120 27.36 14.13 -5.42
CA TYR M 120 27.67 12.99 -6.31
C TYR M 120 29.04 12.41 -5.95
N VAL M 121 29.09 11.08 -5.84
CA VAL M 121 30.30 10.33 -5.53
C VAL M 121 30.54 9.35 -6.68
N GLY M 122 31.64 9.53 -7.43
CA GLY M 122 31.92 8.73 -8.64
C GLY M 122 32.52 7.38 -8.32
N GLY M 123 32.87 6.66 -9.38
CA GLY M 123 33.48 5.34 -9.28
C GLY M 123 32.57 4.25 -9.79
N ALA M 124 32.94 3.00 -9.48
CA ALA M 124 32.23 1.82 -9.96
C ALA M 124 30.86 1.68 -9.32
N GLU M 125 30.74 2.13 -8.07
CA GLU M 125 29.47 2.11 -7.34
C GLU M 125 29.02 3.56 -7.15
N ALA M 126 28.75 4.25 -8.26
CA ALA M 126 28.43 5.70 -8.23
C ALA M 126 27.11 5.97 -7.50
N ARG M 127 27.07 7.08 -6.75
CA ARG M 127 25.93 7.38 -5.91
C ARG M 127 25.73 8.88 -5.90
N ILE M 128 24.49 9.28 -5.66
CA ILE M 128 24.15 10.65 -5.20
C ILE M 128 23.52 10.53 -3.80
N ASN M 129 24.27 11.00 -2.80
CA ASN M 129 23.84 10.95 -1.41
C ASN M 129 23.19 12.26 -1.03
N THR M 130 21.95 12.21 -0.55
CA THR M 130 21.16 13.44 -0.30
C THR M 130 20.50 13.47 1.06
N GLN M 131 20.31 14.70 1.55
CA GLN M 131 19.31 14.96 2.58
CA GLN M 131 19.36 15.05 2.61
C GLN M 131 18.29 15.89 1.95
N TRP M 132 17.05 15.82 2.45
CA TRP M 132 15.96 16.56 1.84
C TRP M 132 15.00 17.21 2.83
N LEU M 133 14.34 18.26 2.33
CA LEU M 133 13.30 19.03 3.09
C LEU M 133 12.07 19.12 2.21
N LEU M 134 10.94 18.59 2.73
CA LEU M 134 9.66 18.62 2.01
C LEU M 134 8.74 19.58 2.75
N THR M 135 8.51 20.76 2.18
CA THR M 135 7.64 21.78 2.78
C THR M 135 6.26 21.76 2.09
N SER M 136 5.19 21.68 2.91
CA SER M 136 3.84 21.85 2.42
CA SER M 136 3.83 21.85 2.40
C SER M 136 3.32 23.23 2.82
N GLY M 137 2.51 23.85 1.96
CA GLY M 137 1.86 25.10 2.35
C GLY M 137 0.95 24.92 3.55
N THR M 138 1.10 25.79 4.54
CA THR M 138 0.27 25.74 5.76
C THR M 138 -0.14 27.16 6.19
N THR M 139 -1.13 27.26 7.06
CA THR M 139 -1.36 28.50 7.80
C THR M 139 -0.19 28.77 8.73
N GLU M 140 -0.07 30.00 9.23
CA GLU M 140 1.00 30.32 10.19
C GLU M 140 0.86 29.51 11.50
N ALA M 141 -0.38 29.30 11.96
CA ALA M 141 -0.62 28.48 13.16
C ALA M 141 -0.11 27.05 13.02
N ASN M 142 -0.20 26.50 11.80
CA ASN M 142 0.22 25.12 11.51
C ASN M 142 1.65 24.96 10.95
N ALA M 143 2.45 26.02 11.03
CA ALA M 143 3.81 26.01 10.42
C ALA M 143 4.71 24.95 11.06
N TRP M 144 4.51 24.62 12.34
CA TRP M 144 5.30 23.53 12.96
C TRP M 144 5.17 22.20 12.23
N LYS M 145 4.08 21.94 11.51
CA LYS M 145 3.89 20.68 10.79
C LYS M 145 4.11 20.83 9.27
N SER M 146 4.77 21.91 8.87
CA SER M 146 4.98 22.18 7.43
C SER M 146 6.09 21.38 6.76
N THR M 147 7.11 20.96 7.53
CA THR M 147 8.36 20.51 6.86
C THR M 147 8.83 19.16 7.37
N LEU M 148 8.82 18.17 6.47
CA LEU M 148 9.38 16.85 6.70
C LEU M 148 10.88 16.85 6.31
N VAL M 149 11.70 16.08 7.04
CA VAL M 149 13.13 15.93 6.69
C VAL M 149 13.49 14.45 6.55
N GLY M 150 14.43 14.15 5.65
CA GLY M 150 14.85 12.77 5.47
C GLY M 150 16.12 12.72 4.65
N HIS M 151 16.47 11.50 4.24
CA HIS M 151 17.66 11.27 3.44
C HIS M 151 17.34 10.22 2.38
N ASP M 152 17.99 10.33 1.23
CA ASP M 152 17.89 9.29 0.20
C ASP M 152 19.17 9.16 -0.59
N THR M 153 19.52 7.92 -0.86
CA THR M 153 20.67 7.61 -1.73
CA THR M 153 20.67 7.58 -1.71
C THR M 153 20.16 7.17 -3.09
N PHE M 154 20.73 7.76 -4.14
CA PHE M 154 20.35 7.42 -5.53
C PHE M 154 21.46 6.60 -6.20
N THR M 155 21.07 5.57 -6.95
CA THR M 155 21.99 4.67 -7.61
C THR M 155 21.63 4.58 -9.10
N LYS M 156 22.60 4.10 -9.89
CA LYS M 156 22.41 3.95 -11.38
C LYS M 156 21.64 2.69 -11.77
N VAL M 157 21.56 1.73 -10.84
CA VAL M 157 20.77 0.50 -11.02
C VAL M 157 19.84 0.41 -9.80
N LYS M 158 18.63 -0.09 -10.02
CA LYS M 158 17.59 -0.20 -8.96
C LYS M 158 18.03 -1.17 -7.85
N PRO M 159 17.56 -0.93 -6.61
CA PRO M 159 17.94 -1.82 -5.49
C PRO M 159 17.34 -3.23 -5.58
N GLY N 1 2.47 0.63 -7.13
CA GLY N 1 2.55 1.92 -6.40
C GLY N 1 3.50 1.89 -5.21
N ASN N 2 3.54 2.98 -4.43
CA ASN N 2 4.40 3.04 -3.27
C ASN N 2 3.90 4.08 -2.28
N SER N 3 4.43 4.08 -1.07
CA SER N 3 3.95 4.98 -0.01
C SER N 3 4.01 6.46 -0.35
N PHE N 4 5.13 6.90 -0.92
CA PHE N 4 5.32 8.31 -1.23
C PHE N 4 4.32 8.77 -2.31
N ASP N 5 4.21 8.01 -3.39
CA ASP N 5 3.27 8.34 -4.47
C ASP N 5 1.80 8.32 -3.99
N ASP N 6 1.46 7.36 -3.12
CA ASP N 6 0.13 7.30 -2.47
C ASP N 6 -0.17 8.59 -1.69
N TRP N 7 0.83 9.09 -0.98
CA TRP N 7 0.70 10.35 -0.23
C TRP N 7 0.42 11.49 -1.20
N LEU N 8 1.16 11.57 -2.30
CA LEU N 8 0.87 12.59 -3.34
C LEU N 8 -0.56 12.44 -3.90
N ALA N 9 -0.95 11.20 -4.22
CA ALA N 9 -2.28 10.92 -4.76
C ALA N 9 -3.40 11.37 -3.81
N SER N 10 -3.19 11.19 -2.51
CA SER N 10 -4.20 11.52 -1.51
C SER N 10 -4.53 13.03 -1.47
N LYS N 11 -3.63 13.89 -1.95
CA LYS N 11 -3.91 15.34 -2.06
C LYS N 11 -4.72 15.78 -3.29
N GLY N 12 -4.93 14.88 -4.25
CA GLY N 12 -5.69 15.20 -5.46
C GLY N 12 -4.98 16.20 -6.35
N NH2 N 13 -6.44 16.59 -8.45
N ALA O 39 1.40 35.99 -8.55
CA ALA O 39 1.96 35.05 -7.52
C ALA O 39 2.70 35.73 -6.35
N GLY O 40 3.10 37.00 -6.50
CA GLY O 40 3.68 37.81 -5.40
C GLY O 40 5.15 37.55 -5.06
N ILE O 41 5.69 36.44 -5.55
CA ILE O 41 7.05 36.00 -5.26
C ILE O 41 8.07 36.81 -6.05
N THR O 42 7.76 37.13 -7.29
CA THR O 42 8.65 37.94 -8.13
C THR O 42 9.05 39.24 -7.45
N GLY O 43 10.35 39.50 -7.37
CA GLY O 43 10.86 40.70 -6.71
C GLY O 43 12.21 40.50 -6.05
N THR O 44 12.60 41.47 -5.24
CA THR O 44 13.89 41.47 -4.55
C THR O 44 13.65 41.29 -3.06
N TRP O 45 14.20 40.21 -2.49
CA TRP O 45 13.99 39.87 -1.09
C TRP O 45 15.33 39.91 -0.36
N TYR O 46 15.26 40.11 0.97
CA TYR O 46 16.45 40.23 1.83
C TYR O 46 16.34 39.35 3.08
N ASN O 47 17.43 38.71 3.51
CA ASN O 47 17.47 37.96 4.80
C ASN O 47 18.37 38.64 5.85
N GLN O 48 18.38 38.07 7.06
CA GLN O 48 19.14 38.64 8.18
C GLN O 48 20.65 38.41 8.12
N LEU O 49 21.11 37.55 7.21
CA LEU O 49 22.55 37.31 7.00
C LEU O 49 23.24 38.34 6.08
N GLY O 50 22.47 39.26 5.49
CA GLY O 50 23.03 40.23 4.54
C GLY O 50 22.91 39.84 3.09
N SER O 51 22.13 38.80 2.81
CA SER O 51 21.94 38.27 1.43
C SER O 51 20.71 38.86 0.74
N THR O 52 20.78 38.88 -0.60
CA THR O 52 19.69 39.37 -1.45
C THR O 52 19.27 38.24 -2.41
N PHE O 53 17.96 38.06 -2.55
CA PHE O 53 17.34 37.01 -3.36
C PHE O 53 16.52 37.76 -4.43
N ILE O 54 17.05 37.79 -5.65
CA ILE O 54 16.46 38.55 -6.77
C ILE O 54 15.85 37.52 -7.71
N VAL O 55 14.53 37.37 -7.64
CA VAL O 55 13.82 36.22 -8.22
C VAL O 55 12.68 36.62 -9.16
N THR O 56 12.51 35.83 -10.23
CA THR O 56 11.36 35.90 -11.10
C THR O 56 10.61 34.55 -11.05
N ALA O 57 9.31 34.62 -10.79
CA ALA O 57 8.44 33.45 -10.75
C ALA O 57 7.64 33.38 -12.08
N GLY O 58 7.96 32.39 -12.91
CA GLY O 58 7.29 32.23 -14.21
C GLY O 58 5.93 31.55 -14.09
N ALA O 59 5.03 31.80 -15.05
CA ALA O 59 3.70 31.17 -15.05
C ALA O 59 3.75 29.64 -15.02
N ASP O 60 4.80 29.07 -15.61
CA ASP O 60 5.04 27.61 -15.66
C ASP O 60 5.55 26.95 -14.35
N GLY O 61 5.69 27.72 -13.26
CA GLY O 61 6.24 27.18 -12.01
C GLY O 61 7.74 27.37 -11.79
N ALA O 62 8.42 27.99 -12.75
CA ALA O 62 9.87 28.20 -12.67
C ALA O 62 10.25 29.38 -11.77
N LEU O 63 11.30 29.19 -10.97
CA LEU O 63 12.03 30.27 -10.32
C LEU O 63 13.41 30.42 -10.96
N THR O 64 13.74 31.66 -11.34
CA THR O 64 15.05 32.01 -11.90
C THR O 64 15.52 33.31 -11.28
N GLY O 65 16.81 33.58 -11.38
CA GLY O 65 17.37 34.85 -10.93
C GLY O 65 18.78 34.73 -10.38
N THR O 66 19.10 35.67 -9.49
CA THR O 66 20.43 35.87 -8.96
C THR O 66 20.35 35.94 -7.41
N TYR O 67 21.31 35.29 -6.76
CA TYR O 67 21.45 35.35 -5.30
C TYR O 67 22.75 36.09 -4.99
N GLU O 68 22.67 37.08 -4.10
CA GLU O 68 23.84 37.92 -3.74
C GLU O 68 24.15 37.69 -2.26
N SER O 69 25.33 37.17 -1.97
CA SER O 69 25.76 36.94 -0.57
C SER O 69 26.23 38.22 0.15
N ALA O 70 26.46 39.28 -0.61
CA ALA O 70 26.77 40.60 -0.07
C ALA O 70 26.39 41.63 -1.13
N VAL O 71 26.26 42.87 -0.71
CA VAL O 71 25.84 43.96 -1.62
C VAL O 71 27.03 44.59 -2.34
N GLY O 72 26.81 44.98 -3.60
CA GLY O 72 27.77 45.80 -4.37
C GLY O 72 29.08 45.13 -4.78
N ASN O 73 29.09 43.80 -4.85
CA ASN O 73 30.30 43.03 -5.16
C ASN O 73 29.97 41.97 -6.22
N ALA O 74 30.65 42.02 -7.37
CA ALA O 74 30.47 41.00 -8.41
C ALA O 74 30.86 39.59 -7.94
N GLU O 75 31.85 39.49 -7.06
CA GLU O 75 32.35 38.20 -6.57
C GLU O 75 31.31 37.48 -5.69
N SER O 76 30.28 38.22 -5.23
CA SER O 76 29.26 37.67 -4.35
CA SER O 76 29.25 37.68 -4.34
C SER O 76 27.94 37.34 -5.08
N ARG O 77 27.94 37.32 -6.42
CA ARG O 77 26.73 37.06 -7.20
C ARG O 77 26.74 35.66 -7.81
N TYR O 78 25.62 34.96 -7.67
CA TYR O 78 25.48 33.55 -8.07
C TYR O 78 24.13 33.30 -8.77
N VAL O 79 24.13 32.35 -9.72
CA VAL O 79 22.89 31.89 -10.37
C VAL O 79 22.04 31.04 -9.40
N LEU O 80 20.73 31.23 -9.45
CA LEU O 80 19.78 30.35 -8.77
C LEU O 80 18.77 29.80 -9.73
N THR O 81 18.27 28.60 -9.42
CA THR O 81 17.07 28.09 -10.05
C THR O 81 16.22 27.27 -9.07
N GLY O 82 14.91 27.23 -9.33
CA GLY O 82 13.98 26.50 -8.48
C GLY O 82 12.58 26.37 -9.06
N ARG O 83 11.65 25.95 -8.19
CA ARG O 83 10.27 25.68 -8.56
C ARG O 83 9.34 26.20 -7.46
N TYR O 84 8.12 26.59 -7.85
CA TYR O 84 7.04 26.95 -6.88
C TYR O 84 5.69 26.44 -7.36
N ASP O 85 4.75 26.32 -6.42
CA ASP O 85 3.37 25.95 -6.72
C ASP O 85 2.64 27.15 -7.34
N SER O 86 2.31 27.05 -8.63
CA SER O 86 1.62 28.14 -9.33
C SER O 86 0.09 28.19 -9.13
N ALA O 87 -0.49 27.24 -8.40
CA ALA O 87 -1.92 27.26 -8.07
C ALA O 87 -2.09 26.84 -6.61
N PRO O 88 -1.73 27.73 -5.67
CA PRO O 88 -1.82 27.34 -4.26
C PRO O 88 -3.24 27.10 -3.77
N ALA O 89 -3.35 26.49 -2.59
CA ALA O 89 -4.65 26.28 -1.92
C ALA O 89 -5.35 27.60 -1.61
N THR O 90 -6.67 27.54 -1.48
CA THR O 90 -7.52 28.71 -1.20
C THR O 90 -7.86 28.87 0.28
N ASP O 91 -7.26 28.04 1.14
CA ASP O 91 -7.66 27.94 2.55
C ASP O 91 -6.82 28.78 3.53
N GLY O 92 -6.06 29.73 3.00
CA GLY O 92 -5.18 30.57 3.82
C GLY O 92 -3.75 30.06 3.95
N SER O 93 -3.48 28.90 3.36
CA SER O 93 -2.14 28.29 3.39
C SER O 93 -1.14 29.08 2.54
N GLY O 94 0.13 29.01 2.89
CA GLY O 94 1.18 29.67 2.09
C GLY O 94 1.43 28.90 0.79
N THR O 95 2.33 29.45 -0.03
CA THR O 95 2.67 28.89 -1.33
C THR O 95 4.04 28.18 -1.25
N ALA O 96 4.04 26.87 -1.44
CA ALA O 96 5.26 26.07 -1.35
C ALA O 96 6.26 26.40 -2.48
N LEU O 97 7.55 26.42 -2.13
CA LEU O 97 8.61 26.70 -3.12
C LEU O 97 9.95 26.16 -2.63
N GLY O 98 10.89 26.06 -3.57
CA GLY O 98 12.28 25.77 -3.23
C GLY O 98 13.23 26.26 -4.32
N TRP O 99 14.49 26.51 -3.94
CA TRP O 99 15.52 26.86 -4.93
C TRP O 99 16.88 26.38 -4.47
N THR O 100 17.81 26.34 -5.44
CA THR O 100 19.20 25.92 -5.22
C THR O 100 20.16 27.01 -5.72
N VAL O 101 21.25 27.21 -4.98
CA VAL O 101 22.45 27.94 -5.48
C VAL O 101 23.62 26.99 -5.31
N ALA O 102 24.37 26.77 -6.41
CA ALA O 102 25.69 26.16 -6.32
C ALA O 102 26.67 27.35 -6.17
N TRP O 103 27.57 27.27 -5.18
CA TRP O 103 28.38 28.44 -4.78
C TRP O 103 29.65 28.59 -5.66
N LYS O 104 29.43 28.62 -6.99
CA LYS O 104 30.48 28.79 -8.01
C LYS O 104 30.03 29.94 -8.91
N ASN O 105 30.97 30.87 -9.11
CA ASN O 105 30.83 31.89 -10.13
C ASN O 105 32.19 32.06 -10.84
N ASN O 106 32.35 33.14 -11.61
CA ASN O 106 33.61 33.39 -12.34
C ASN O 106 34.77 33.84 -11.44
N TYR O 107 34.50 34.18 -10.18
CA TYR O 107 35.51 34.66 -9.21
C TYR O 107 35.81 33.71 -8.04
N ARG O 108 34.92 32.75 -7.78
CA ARG O 108 34.98 31.93 -6.54
C ARG O 108 34.36 30.55 -6.78
N ASN O 109 34.85 29.55 -6.02
CA ASN O 109 34.17 28.25 -5.95
C ASN O 109 34.33 27.61 -4.56
N ALA O 110 33.25 27.59 -3.79
CA ALA O 110 33.22 26.99 -2.42
C ALA O 110 32.97 25.47 -2.41
N HIS O 111 32.82 24.86 -3.60
CA HIS O 111 32.55 23.42 -3.74
C HIS O 111 31.40 22.99 -2.79
N SER O 112 30.30 23.71 -2.93
CA SER O 112 29.15 23.63 -2.01
C SER O 112 27.91 24.06 -2.74
N ALA O 113 26.76 23.65 -2.19
CA ALA O 113 25.45 24.08 -2.69
C ALA O 113 24.45 24.18 -1.55
N THR O 114 23.57 25.19 -1.63
CA THR O 114 22.49 25.34 -0.64
C THR O 114 21.19 25.15 -1.36
N THR O 115 20.27 24.44 -0.66
CA THR O 115 18.85 24.41 -1.06
C THR O 115 18.01 25.00 0.08
N TRP O 116 17.07 25.86 -0.33
CA TRP O 116 16.08 26.44 0.58
C TRP O 116 14.73 25.86 0.20
N SER O 117 14.04 25.33 1.21
CA SER O 117 12.68 24.76 1.08
C SER O 117 11.76 25.55 2.00
N GLY O 118 10.63 26.03 1.46
CA GLY O 118 9.80 26.92 2.29
C GLY O 118 8.48 27.32 1.69
N GLN O 119 7.92 28.42 2.19
CA GLN O 119 6.64 28.92 1.70
C GLN O 119 6.59 30.44 1.71
N TYR O 120 5.95 30.96 0.67
CA TYR O 120 5.59 32.35 0.57
C TYR O 120 4.26 32.60 1.31
N VAL O 121 4.27 33.65 2.14
CA VAL O 121 3.12 34.10 2.94
C VAL O 121 2.76 35.52 2.52
N GLY O 122 1.53 35.72 2.03
CA GLY O 122 1.12 37.05 1.55
C GLY O 122 0.62 37.97 2.65
N GLY O 123 0.01 39.08 2.24
CA GLY O 123 -0.58 40.07 3.16
C GLY O 123 0.29 41.31 3.31
N ALA O 124 0.01 42.09 4.35
CA ALA O 124 0.75 43.34 4.61
C ALA O 124 2.22 43.06 4.90
N GLU O 125 2.44 42.13 5.83
CA GLU O 125 3.79 41.67 6.18
C GLU O 125 4.15 40.44 5.34
N ALA O 126 4.39 40.65 4.04
CA ALA O 126 4.70 39.52 3.12
C ALA O 126 6.10 38.96 3.40
N ARG O 127 6.21 37.63 3.37
CA ARG O 127 7.44 36.96 3.78
C ARG O 127 7.65 35.66 3.00
N ILE O 128 8.92 35.26 2.86
CA ILE O 128 9.25 33.89 2.48
C ILE O 128 9.99 33.25 3.64
N ASN O 129 9.40 32.19 4.21
CA ASN O 129 9.98 31.48 5.36
C ASN O 129 10.64 30.18 4.90
N THR O 130 11.91 29.99 5.22
CA THR O 130 12.63 28.80 4.74
C THR O 130 13.39 28.04 5.79
N GLN O 131 13.58 26.75 5.49
CA GLN O 131 14.66 26.00 6.09
CA GLN O 131 14.58 25.88 6.07
C GLN O 131 15.59 25.57 4.95
N TRP O 132 16.86 25.36 5.32
CA TRP O 132 17.90 25.15 4.29
C TRP O 132 18.88 24.10 4.69
N LEU O 133 19.53 23.57 3.61
CA LEU O 133 20.58 22.55 3.73
C LEU O 133 21.76 22.96 2.83
N LEU O 134 22.94 23.15 3.46
CA LEU O 134 24.15 23.55 2.74
C LEU O 134 25.09 22.33 2.78
N THR O 135 25.30 21.70 1.62
CA THR O 135 26.18 20.54 1.52
C THR O 135 27.49 20.93 0.79
N SER O 136 28.61 20.57 1.40
CA SER O 136 29.95 20.73 0.79
CA SER O 136 29.90 20.74 0.74
C SER O 136 30.44 19.39 0.29
N GLY O 137 31.18 19.41 -0.83
CA GLY O 137 31.83 18.19 -1.30
C GLY O 137 32.89 17.75 -0.29
N THR O 138 32.85 16.48 0.09
CA THR O 138 33.75 15.89 1.07
C THR O 138 34.22 14.53 0.58
N THR O 139 35.23 13.99 1.26
CA THR O 139 35.56 12.56 1.16
C THR O 139 34.49 11.75 1.89
N GLU O 140 34.46 10.45 1.65
CA GLU O 140 33.50 9.54 2.29
C GLU O 140 33.64 9.50 3.83
N ALA O 141 34.89 9.50 4.32
CA ALA O 141 35.21 9.50 5.76
C ALA O 141 34.73 10.76 6.48
N ASN O 142 34.69 11.88 5.74
CA ASN O 142 34.26 13.18 6.29
C ASN O 142 32.80 13.54 5.99
N ALA O 143 32.03 12.60 5.47
CA ALA O 143 30.65 12.87 5.07
C ALA O 143 29.76 13.31 6.24
N TRP O 144 30.04 12.82 7.44
CA TRP O 144 29.28 13.23 8.64
C TRP O 144 29.29 14.75 8.85
N LYS O 145 30.33 15.44 8.36
CA LYS O 145 30.44 16.89 8.51
C LYS O 145 30.18 17.67 7.20
N SER O 146 29.49 17.03 6.26
CA SER O 146 29.23 17.63 4.96
C SER O 146 28.09 18.67 4.94
N THR O 147 27.10 18.55 5.85
CA THR O 147 25.85 19.26 5.68
C THR O 147 25.46 20.11 6.89
N LEU O 148 25.37 21.42 6.65
CA LEU O 148 24.86 22.37 7.66
C LEU O 148 23.36 22.53 7.43
N VAL O 149 22.62 22.74 8.53
CA VAL O 149 21.16 23.02 8.49
C VAL O 149 20.85 24.33 9.20
N GLY O 150 19.90 25.06 8.63
CA GLY O 150 19.45 26.30 9.29
C GLY O 150 18.11 26.77 8.75
N HIS O 151 17.75 28.02 9.11
CA HIS O 151 16.47 28.63 8.72
C HIS O 151 16.69 30.13 8.46
N ASP O 152 15.96 30.66 7.49
CA ASP O 152 15.98 32.11 7.19
C ASP O 152 14.67 32.62 6.67
N THR O 153 14.26 33.79 7.17
CA THR O 153 13.09 34.49 6.70
CA THR O 153 13.08 34.49 6.69
C THR O 153 13.54 35.63 5.80
N PHE O 154 12.80 35.85 4.71
CA PHE O 154 13.07 36.91 3.75
C PHE O 154 11.91 37.91 3.73
N THR O 155 12.28 39.19 3.59
CA THR O 155 11.31 40.29 3.42
CA THR O 155 11.35 40.32 3.47
C THR O 155 11.74 41.17 2.26
N LYS O 156 10.80 41.95 1.72
CA LYS O 156 11.12 42.91 0.65
C LYS O 156 11.65 44.26 1.18
N VAL O 157 11.68 44.44 2.50
CA VAL O 157 12.21 45.65 3.14
C VAL O 157 13.75 45.59 3.14
N LYS O 158 14.39 46.56 2.51
CA LYS O 158 15.85 46.55 2.33
C LYS O 158 16.59 46.76 3.65
N GLY P 1 29.91 42.59 3.10
CA GLY P 1 30.51 42.71 4.47
C GLY P 1 29.68 41.99 5.51
N ASN P 2 29.76 40.66 5.52
CA ASN P 2 29.03 39.84 6.53
C ASN P 2 29.68 38.45 6.72
N SER P 3 29.28 37.73 7.78
CA SER P 3 29.88 36.43 8.11
C SER P 3 29.75 35.35 7.03
N PHE P 4 28.56 35.25 6.43
CA PHE P 4 28.33 34.22 5.41
C PHE P 4 29.20 34.54 4.16
N ASP P 5 29.19 35.79 3.67
CA ASP P 5 30.04 36.17 2.52
C ASP P 5 31.53 35.97 2.85
N ASP P 6 31.94 36.29 4.09
CA ASP P 6 33.34 36.10 4.52
C ASP P 6 33.70 34.61 4.46
N TRP P 7 32.77 33.73 4.83
CA TRP P 7 33.00 32.29 4.75
C TRP P 7 33.22 31.84 3.30
N LEU P 8 32.37 32.31 2.39
CA LEU P 8 32.56 32.03 0.95
C LEU P 8 33.92 32.54 0.46
N ALA P 9 34.29 33.78 0.81
CA ALA P 9 35.60 34.34 0.41
C ALA P 9 36.79 33.52 0.90
N SER P 10 36.70 33.01 2.12
CA SER P 10 37.78 32.20 2.70
C SER P 10 38.02 30.88 1.96
N LYS P 11 36.97 30.33 1.35
CA LYS P 11 37.08 29.11 0.56
C LYS P 11 37.81 29.28 -0.80
N GLY P 12 37.85 30.52 -1.31
CA GLY P 12 38.61 30.85 -2.52
C GLY P 12 37.90 30.57 -3.82
N NH2 P 13 39.27 29.71 -5.39
C1 GOL Q . -22.26 -21.87 2.50
O1 GOL Q . -21.26 -22.31 3.42
C2 GOL Q . -22.95 -20.57 2.97
O2 GOL Q . -23.47 -20.84 4.28
C3 GOL Q . -21.95 -19.45 3.09
O3 GOL Q . -22.52 -18.22 3.56
C1 GOL R . -20.24 -8.32 -16.19
O1 GOL R . -20.44 -8.57 -17.61
C2 GOL R . -21.51 -7.73 -15.57
O2 GOL R . -21.83 -6.57 -16.35
C3 GOL R . -22.65 -8.71 -15.66
O3 GOL R . -23.89 -8.28 -15.05
C1 GOL S . -4.07 -18.43 -6.85
O1 GOL S . -3.38 -19.68 -7.12
C2 GOL S . -3.65 -17.28 -7.78
O2 GOL S . -2.25 -16.99 -7.58
C3 GOL S . -4.47 -16.03 -7.43
O3 GOL S . -4.14 -15.57 -6.09
C1 GOL T . -19.68 -29.12 -17.25
O1 GOL T . -18.68 -29.68 -18.07
C2 GOL T . -20.24 -30.13 -16.28
O2 GOL T . -20.73 -31.21 -17.08
C3 GOL T . -21.39 -29.42 -15.53
O3 GOL T . -22.48 -29.19 -16.41
C1 GOL U . 7.47 20.14 17.94
O1 GOL U . 7.65 19.33 19.12
C2 GOL U . 7.28 21.63 18.20
O2 GOL U . 5.98 21.92 18.73
C3 GOL U . 8.36 22.13 19.12
O3 GOL U . 8.11 23.49 19.52
C1 GOL V . 26.72 11.23 14.94
O1 GOL V . 26.98 9.85 15.13
C2 GOL V . 28.02 11.99 14.80
O2 GOL V . 28.57 11.85 13.51
C3 GOL V . 27.69 13.46 15.07
O3 GOL V . 27.57 13.71 16.48
C1 GOL W . 12.43 12.59 -1.23
O1 GOL W . 13.23 11.45 -1.64
C2 GOL W . 11.08 12.12 -0.66
O2 GOL W . 10.34 11.49 -1.69
C3 GOL W . 10.22 13.29 -0.18
O3 GOL W . 9.88 14.19 -1.25
C1 GOL X . 23.46 29.19 3.91
O1 GOL X . 23.66 29.12 2.50
C2 GOL X . 22.68 30.44 4.30
O2 GOL X . 23.36 31.57 3.69
C3 GOL X . 21.27 30.34 3.74
O3 GOL X . 20.45 31.47 3.95
#